data_7R80
#
_entry.id   7R80
#
_cell.length_a   60.310
_cell.length_b   64.814
_cell.length_c   220.885
_cell.angle_alpha   90.000
_cell.angle_beta   90.000
_cell.angle_gamma   90.000
#
_symmetry.space_group_name_H-M   'P 21 21 21'
#
loop_
_entity.id
_entity.type
_entity.pdbx_description
1 polymer 'MHC class I antigen'
2 polymer Beta-2-microglobulin
3 polymer GLN-ALA-SER-GLN-GLU-VAL-LYS-ASN-TRP
4 polymer 'Alpha chain of C3 TCR'
5 polymer 'Beta Chain of C3 TCR'
6 water water
#
loop_
_entity_poly.entity_id
_entity_poly.type
_entity_poly.pdbx_seq_one_letter_code
_entity_poly.pdbx_strand_id
1 'polypeptide(L)'
;GSHSMRYFYTAMSRPGRGEPRFIAVGYVDDTQFVRFDSDAASPRTEPRAPWIEQEGPEYWDRNTQIFKTNTQTYRENLRI
ALRYYNQSEAGSHIIQRMYGCDLGPDGRLLRGHDQSAYDGKDYIALNEDLSSWTAADTAAQITQRKWEAARVAEQLRAYL
EGLCVEWLRRYLENGKETLQRADPPKTHVTHHPVSDHEATLRCWALGFYPAEITLTWQRDGEDQTQDTELVETRPAGDRT
FQKWAAVVVPSGEEQRYTCHVQHEGLPKPLTLRWEPHH
;
C
2 'polypeptide(L)'
;MIQRTPKIQVYSRHPAENGKSNFLNCYVSGFHPSDIEVDLLKNGERIEKVEHSDLSFSKDWSFYLLYYTEFTPTEKDEYA
CRVNHVTLSQPKIVKWDRDM
;
D
3 'polypeptide(L)' QASQEVKNW E
4 'polypeptide(L)'
;MKQEVTQIPAALSVPEGENLVLNCSFTDSAIYNLQWFRQDPGKGLTSLLLIQSSQREQTSGRLNASLDKSSGRSTLYIAA
SQPGDSATYLCAQLNQAGTALIFGKGTTLSVSSNIQNPDPAVYQLRDSKSSDKSVCLFTDFDSQTNVSQSKDSDVYITDK
CVLDMRSMDFKSNSAVAWSNKSDFACANAFNNSIIPEDTFFPSPESSS
;
A
5 'polypeptide(L)'
;MNAGVTQTPKFQVLKTGQSMTLQCAQDMNHEYMSWYRQDPGMGLRLIHYSVGAGITDQGEVPNGYNVSRSTTEDFPLRLL
SAAPSQTSVYFCASSYGTGINYGYTFGSGTRLTVVEDLNKVFPPEVAVFEPSEAEISHTQKATLVCLATGFFPDHVELSW
WVNGKEVHSGVCTDPQPLKEQPALNDSRYALSSRLRVSATFWQNPRNHFRCQVQFYGLSENDEWTQDRAKPVTQIVSAEA
WGRADS
;
B
#
# COMPACT_ATOMS: atom_id res chain seq x y z
N GLY A 1 -16.15 28.63 -15.85
CA GLY A 1 -16.28 27.52 -16.78
C GLY A 1 -15.28 26.41 -16.52
N SER A 2 -14.01 26.67 -16.83
CA SER A 2 -12.96 25.72 -16.52
C SER A 2 -12.78 25.62 -15.01
N HIS A 3 -12.77 24.39 -14.50
CA HIS A 3 -12.65 24.13 -13.07
C HIS A 3 -11.43 23.28 -12.82
N SER A 4 -10.62 23.67 -11.84
CA SER A 4 -9.38 22.99 -11.53
C SER A 4 -9.37 22.52 -10.09
N MET A 5 -8.61 21.46 -9.84
CA MET A 5 -8.29 20.98 -8.51
C MET A 5 -6.79 20.75 -8.47
N ARG A 6 -6.11 21.38 -7.52
CA ARG A 6 -4.67 21.25 -7.39
C ARG A 6 -4.29 21.00 -5.94
N TYR A 7 -3.24 20.21 -5.76
CA TYR A 7 -2.65 19.94 -4.46
C TYR A 7 -1.21 20.42 -4.48
N PHE A 8 -0.85 21.26 -3.51
CA PHE A 8 0.47 21.87 -3.46
C PHE A 8 1.27 21.24 -2.31
N TYR A 9 2.39 20.61 -2.66
CA TYR A 9 3.26 19.97 -1.69
C TYR A 9 4.53 20.79 -1.53
N THR A 10 4.92 21.05 -0.30
CA THR A 10 6.16 21.75 0.01
C THR A 10 6.91 20.97 1.08
N ALA A 11 8.17 20.62 0.79
CA ALA A 11 9.03 19.92 1.73
C ALA A 11 10.37 20.65 1.78
N MET A 12 10.78 21.05 2.98
CA MET A 12 11.96 21.90 3.13
C MET A 12 12.83 21.39 4.27
N SER A 13 14.13 21.24 4.00
CA SER A 13 15.08 20.81 5.02
C SER A 13 15.52 22.01 5.85
N ARG A 14 15.67 21.79 7.16
CA ARG A 14 16.07 22.84 8.10
C ARG A 14 17.10 22.27 9.06
N PRO A 15 18.32 22.02 8.58
CA PRO A 15 19.34 21.40 9.44
C PRO A 15 19.64 22.25 10.67
N GLY A 16 19.53 21.63 11.84
CA GLY A 16 19.79 22.27 13.10
C GLY A 16 18.55 22.73 13.85
N ARG A 17 17.44 22.95 13.16
CA ARG A 17 16.22 23.44 13.78
C ARG A 17 15.10 22.41 13.78
N GLY A 18 15.30 21.24 13.21
CA GLY A 18 14.30 20.18 13.26
C GLY A 18 14.30 19.37 11.99
N GLU A 19 13.54 18.28 12.04
CA GLU A 19 13.36 17.42 10.89
C GLU A 19 12.64 18.17 9.77
N PRO A 20 12.79 17.73 8.52
CA PRO A 20 12.15 18.43 7.40
C PRO A 20 10.65 18.58 7.58
N ARG A 21 10.11 19.63 6.96
CA ARG A 21 8.73 20.06 7.15
C ARG A 21 7.96 19.91 5.85
N PHE A 22 6.84 19.18 5.90
CA PHE A 22 6.02 18.92 4.73
C PHE A 22 4.72 19.71 4.84
N ILE A 23 4.45 20.56 3.85
CA ILE A 23 3.22 21.34 3.78
C ILE A 23 2.40 20.81 2.62
N ALA A 24 1.17 20.38 2.91
CA ALA A 24 0.24 19.93 1.89
C ALA A 24 -0.99 20.84 1.91
N VAL A 25 -1.31 21.41 0.77
CA VAL A 25 -2.45 22.33 0.65
C VAL A 25 -3.21 21.99 -0.62
N GLY A 26 -4.53 21.93 -0.51
CA GLY A 26 -5.40 21.62 -1.64
C GLY A 26 -6.18 22.85 -2.08
N TYR A 27 -6.35 23.01 -3.39
CA TYR A 27 -7.06 24.19 -3.93
C TYR A 27 -8.06 23.76 -5.01
N VAL A 28 -9.30 24.23 -4.94
CA VAL A 28 -10.27 23.97 -6.03
C VAL A 28 -10.48 25.35 -6.66
N ASP A 29 -10.30 25.47 -7.98
CA ASP A 29 -10.32 26.83 -8.57
C ASP A 29 -9.23 27.60 -7.82
N ASP A 30 -9.58 28.74 -7.22
CA ASP A 30 -8.59 29.54 -6.47
C ASP A 30 -8.86 29.46 -4.96
N THR A 31 -9.62 28.47 -4.51
CA THR A 31 -10.02 28.40 -3.08
C THR A 31 -9.34 27.25 -2.35
N GLN A 32 -8.73 27.53 -1.19
CA GLN A 32 -8.07 26.47 -0.39
C GLN A 32 -9.12 25.76 0.45
N PHE A 33 -9.01 24.42 0.57
CA PHE A 33 -9.99 23.65 1.31
C PHE A 33 -9.39 22.64 2.28
N VAL A 34 -8.11 22.29 2.17
CA VAL A 34 -7.47 21.37 3.10
C VAL A 34 -6.04 21.84 3.36
N ARG A 35 -5.55 21.53 4.56
CA ARG A 35 -4.22 21.93 4.97
C ARG A 35 -3.62 20.85 5.86
N PHE A 36 -2.36 20.50 5.61
CA PHE A 36 -1.62 19.56 6.43
C PHE A 36 -0.27 20.15 6.77
N ASP A 37 0.11 20.07 8.05
CA ASP A 37 1.40 20.56 8.52
C ASP A 37 2.00 19.55 9.48
N SER A 38 3.25 19.15 9.19
CA SER A 38 3.94 18.20 10.07
C SER A 38 4.28 18.83 11.41
N ASP A 39 4.46 20.16 11.46
CA ASP A 39 4.85 20.82 12.68
C ASP A 39 3.69 21.06 13.64
N ALA A 40 2.45 20.88 13.19
CA ALA A 40 1.33 20.90 14.12
C ALA A 40 1.49 19.78 15.13
N ALA A 41 1.09 20.06 16.38
CA ALA A 41 1.27 19.08 17.45
C ALA A 41 0.57 17.78 17.12
N SER A 42 -0.68 17.85 16.67
CA SER A 42 -1.38 16.70 16.14
C SER A 42 -1.43 16.83 14.63
N PRO A 43 -0.51 16.19 13.89
CA PRO A 43 -0.48 16.35 12.44
C PRO A 43 -1.70 15.73 11.78
N ARG A 44 -2.56 16.56 11.20
CA ARG A 44 -3.79 16.07 10.59
C ARG A 44 -4.31 17.12 9.61
N THR A 45 -5.16 16.67 8.69
CA THR A 45 -5.74 17.54 7.68
C THR A 45 -6.80 18.42 8.28
N GLU A 46 -6.64 19.73 8.15
CA GLU A 46 -7.60 20.69 8.73
C GLU A 46 -8.50 21.25 7.63
N PRO A 47 -9.82 21.35 7.86
CA PRO A 47 -10.71 22.00 6.90
C PRO A 47 -10.38 23.50 6.75
N ARG A 48 -10.35 24.00 5.51
CA ARG A 48 -10.08 25.44 5.27
C ARG A 48 -11.20 26.03 4.39
N ALA A 49 -12.27 25.28 4.15
CA ALA A 49 -13.42 25.76 3.34
C ALA A 49 -14.73 25.27 3.95
N PRO A 50 -15.86 25.98 3.77
CA PRO A 50 -17.12 25.58 4.40
C PRO A 50 -17.66 24.21 3.96
N TRP A 51 -17.71 23.96 2.65
CA TRP A 51 -18.36 22.71 2.15
C TRP A 51 -17.59 21.46 2.55
N ILE A 52 -16.26 21.51 2.62
CA ILE A 52 -15.47 20.27 2.90
C ILE A 52 -15.74 19.81 4.34
N GLU A 53 -16.30 20.66 5.19
CA GLU A 53 -16.49 20.28 6.62
C GLU A 53 -17.49 19.13 6.76
N GLN A 54 -18.54 19.13 5.96
CA GLN A 54 -19.60 18.09 6.07
C GLN A 54 -19.01 16.68 5.85
N GLU A 55 -17.76 16.59 5.40
CA GLU A 55 -17.20 15.28 5.13
C GLU A 55 -16.98 14.50 6.42
N GLY A 56 -17.06 13.17 6.30
CA GLY A 56 -16.99 12.31 7.46
C GLY A 56 -15.58 12.00 7.87
N PRO A 57 -15.44 11.16 8.90
CA PRO A 57 -14.09 10.88 9.44
C PRO A 57 -13.18 10.17 8.47
N GLU A 58 -13.72 9.30 7.61
CA GLU A 58 -12.86 8.48 6.75
C GLU A 58 -12.20 9.32 5.67
N TYR A 59 -12.86 10.39 5.20
CA TYR A 59 -12.22 11.31 4.28
C TYR A 59 -10.96 11.89 4.89
N TRP A 60 -11.06 12.31 6.14
CA TRP A 60 -9.90 12.98 6.79
C TRP A 60 -8.82 11.96 7.07
N ASP A 61 -9.18 10.79 7.59
CA ASP A 61 -8.18 9.74 7.94
C ASP A 61 -7.32 9.43 6.74
N ARG A 62 -7.95 9.15 5.59
CA ARG A 62 -7.20 8.76 4.37
C ARG A 62 -6.21 9.87 4.02
N ASN A 63 -6.72 11.07 3.80
CA ASN A 63 -5.83 12.17 3.37
C ASN A 63 -4.74 12.35 4.42
N THR A 64 -5.09 12.25 5.70
CA THR A 64 -4.10 12.48 6.76
C THR A 64 -3.02 11.40 6.65
N GLN A 65 -3.42 10.16 6.43
CA GLN A 65 -2.43 9.06 6.41
C GLN A 65 -1.57 9.21 5.17
N ILE A 66 -2.15 9.69 4.08
CA ILE A 66 -1.38 9.87 2.82
C ILE A 66 -0.36 10.98 3.04
N PHE A 67 -0.79 12.07 3.68
CA PHE A 67 0.12 13.22 3.89
C PHE A 67 1.24 12.77 4.81
N LYS A 68 0.94 11.88 5.76
CA LYS A 68 1.95 11.43 6.75
C LYS A 68 2.98 10.53 6.07
N THR A 69 2.54 9.68 5.16
CA THR A 69 3.48 8.84 4.37
C THR A 69 4.28 9.77 3.45
N ASN A 70 3.62 10.75 2.86
CA ASN A 70 4.29 11.71 1.95
C ASN A 70 5.34 12.48 2.74
N THR A 71 5.03 12.83 3.99
CA THR A 71 6.03 13.50 4.85
C THR A 71 7.30 12.64 4.91
N GLN A 72 7.16 11.34 5.14
CA GLN A 72 8.34 10.49 5.27
C GLN A 72 9.01 10.25 3.92
N THR A 73 8.24 10.13 2.84
CA THR A 73 8.83 9.86 1.54
C THR A 73 9.66 11.04 1.06
N TYR A 74 9.09 12.24 1.09
CA TYR A 74 9.80 13.40 0.56
C TYR A 74 10.98 13.80 1.43
N ARG A 75 11.03 13.34 2.68
CA ARG A 75 12.23 13.53 3.49
C ARG A 75 13.41 12.75 2.90
N GLU A 76 13.15 11.53 2.42
CA GLU A 76 14.22 10.76 1.78
C GLU A 76 14.53 11.31 0.40
N ASN A 77 13.51 11.78 -0.33
CA ASN A 77 13.74 12.41 -1.63
C ASN A 77 14.67 13.61 -1.48
N LEU A 78 14.54 14.35 -0.37
CA LEU A 78 15.48 15.43 -0.08
C LEU A 78 16.89 14.88 0.12
N ARG A 79 17.01 13.76 0.83
CA ARG A 79 18.31 13.11 0.97
C ARG A 79 18.80 12.57 -0.37
N ILE A 80 17.88 12.06 -1.19
CA ILE A 80 18.25 11.51 -2.49
C ILE A 80 18.89 12.59 -3.35
N ALA A 81 18.23 13.76 -3.44
CA ALA A 81 18.73 14.83 -4.30
C ALA A 81 20.11 15.31 -3.86
N LEU A 82 20.44 15.17 -2.57
CA LEU A 82 21.76 15.53 -2.10
C LEU A 82 22.83 14.66 -2.76
N ARG A 83 22.55 13.37 -2.92
CA ARG A 83 23.50 12.48 -3.58
C ARG A 83 23.55 12.76 -5.08
N TYR A 84 22.42 13.12 -5.68
CA TYR A 84 22.38 13.33 -7.12
C TYR A 84 23.15 14.58 -7.52
N TYR A 85 22.88 15.69 -6.84
CA TYR A 85 23.54 16.96 -7.14
C TYR A 85 24.86 17.14 -6.39
N ASN A 86 25.27 16.16 -5.58
CA ASN A 86 26.50 16.20 -4.81
C ASN A 86 26.56 17.46 -3.94
N GLN A 87 25.60 17.58 -3.04
CA GLN A 87 25.47 18.72 -2.15
C GLN A 87 25.80 18.32 -0.72
N SER A 88 26.02 19.32 0.11
CA SER A 88 26.33 19.12 1.51
C SER A 88 25.07 18.77 2.29
N GLU A 89 25.13 17.71 3.10
CA GLU A 89 23.97 17.27 3.87
C GLU A 89 23.49 18.34 4.84
N ALA A 90 24.34 19.28 5.22
CA ALA A 90 23.96 20.36 6.12
C ALA A 90 23.23 21.49 5.43
N GLY A 91 23.06 21.42 4.10
CA GLY A 91 22.35 22.46 3.39
C GLY A 91 20.85 22.39 3.59
N SER A 92 20.20 23.54 3.43
CA SER A 92 18.76 23.65 3.57
C SER A 92 18.14 23.75 2.19
N HIS A 93 17.36 22.73 1.80
CA HIS A 93 16.80 22.65 0.47
C HIS A 93 15.29 22.50 0.55
N ILE A 94 14.62 22.78 -0.56
CA ILE A 94 13.16 22.76 -0.63
C ILE A 94 12.75 21.95 -1.86
N ILE A 95 11.78 21.05 -1.66
CA ILE A 95 11.14 20.31 -2.74
C ILE A 95 9.68 20.74 -2.80
N GLN A 96 9.21 21.10 -3.99
CA GLN A 96 7.82 21.50 -4.20
C GLN A 96 7.20 20.60 -5.26
N ARG A 97 5.88 20.43 -5.18
CA ARG A 97 5.16 19.60 -6.13
C ARG A 97 3.79 20.19 -6.41
N MET A 98 3.46 20.30 -7.70
CA MET A 98 2.15 20.75 -8.16
C MET A 98 1.50 19.62 -8.94
N TYR A 99 0.30 19.22 -8.54
CA TYR A 99 -0.44 18.22 -9.31
C TYR A 99 -1.93 18.44 -9.14
N GLY A 100 -2.69 17.89 -10.08
CA GLY A 100 -4.13 18.03 -10.07
C GLY A 100 -4.69 17.80 -11.47
N CYS A 101 -5.98 18.06 -11.60
CA CYS A 101 -6.69 17.83 -12.85
C CYS A 101 -7.45 19.09 -13.28
N ASP A 102 -7.44 19.36 -14.58
CA ASP A 102 -8.21 20.44 -15.17
C ASP A 102 -9.44 19.84 -15.86
N LEU A 103 -10.61 20.41 -15.55
CA LEU A 103 -11.88 19.87 -16.03
C LEU A 103 -12.42 20.75 -17.16
N GLY A 104 -12.98 20.10 -18.18
CA GLY A 104 -13.55 20.82 -19.30
C GLY A 104 -14.90 21.40 -18.98
N PRO A 105 -15.33 22.40 -19.79
CA PRO A 105 -16.63 23.05 -19.52
C PRO A 105 -17.82 22.11 -19.60
N ASP A 106 -17.71 21.00 -20.31
CA ASP A 106 -18.78 20.03 -20.42
C ASP A 106 -18.77 18.99 -19.31
N GLY A 107 -17.88 19.14 -18.33
CA GLY A 107 -17.72 18.15 -17.28
C GLY A 107 -16.75 17.05 -17.61
N ARG A 108 -16.09 17.09 -18.76
CA ARG A 108 -15.11 16.09 -19.17
C ARG A 108 -13.70 16.60 -18.89
N LEU A 109 -12.76 15.65 -18.84
CA LEU A 109 -11.39 15.98 -18.48
C LEU A 109 -10.71 16.78 -19.58
N LEU A 110 -10.04 17.85 -19.20
CA LEU A 110 -9.32 18.71 -20.14
C LEU A 110 -7.82 18.44 -20.13
N ARG A 111 -7.18 18.56 -18.97
CA ARG A 111 -5.74 18.36 -18.88
C ARG A 111 -5.39 17.85 -17.48
N GLY A 112 -4.27 17.13 -17.39
CA GLY A 112 -3.80 16.62 -16.10
C GLY A 112 -2.37 17.07 -15.86
N HIS A 113 -2.02 17.43 -14.63
CA HIS A 113 -0.67 18.00 -14.40
C HIS A 113 0.03 17.37 -13.19
N ASP A 114 1.34 17.13 -13.26
CA ASP A 114 2.12 16.64 -12.10
C ASP A 114 3.55 17.19 -12.20
N GLN A 115 3.73 18.50 -12.04
CA GLN A 115 5.06 19.15 -12.14
C GLN A 115 5.79 19.07 -10.80
N SER A 116 7.12 19.03 -10.84
CA SER A 116 7.93 18.94 -9.61
C SER A 116 9.11 19.91 -9.69
N ALA A 117 9.65 20.31 -8.54
CA ALA A 117 10.78 21.27 -8.52
C ALA A 117 11.78 21.00 -7.39
N TYR A 118 13.01 21.48 -7.57
CA TYR A 118 14.05 21.38 -6.51
C TYR A 118 14.68 22.76 -6.34
N ASP A 119 14.48 23.37 -5.18
CA ASP A 119 15.09 24.67 -4.88
C ASP A 119 14.68 25.73 -5.90
N GLY A 120 13.42 25.68 -6.34
CA GLY A 120 12.88 26.65 -7.25
C GLY A 120 13.03 26.31 -8.73
N LYS A 121 13.92 25.40 -9.07
CA LYS A 121 14.13 25.00 -10.46
C LYS A 121 13.36 23.73 -10.76
N ASP A 122 12.70 23.70 -11.91
CA ASP A 122 11.92 22.54 -12.32
C ASP A 122 12.79 21.29 -12.35
N TYR A 123 12.35 20.25 -11.64
CA TYR A 123 13.08 18.99 -11.60
C TYR A 123 12.53 18.00 -12.63
N ILE A 124 11.25 17.63 -12.51
CA ILE A 124 10.63 16.70 -13.43
C ILE A 124 9.15 17.09 -13.56
N ALA A 125 8.51 16.57 -14.61
CA ALA A 125 7.11 16.89 -14.85
C ALA A 125 6.48 15.80 -15.70
N LEU A 126 5.17 15.67 -15.60
CA LEU A 126 4.43 14.67 -16.41
C LEU A 126 3.87 15.39 -17.63
N ASN A 127 4.01 14.79 -18.81
CA ASN A 127 3.51 15.40 -20.06
C ASN A 127 1.99 15.24 -20.16
N GLU A 128 1.37 15.93 -21.12
CA GLU A 128 -0.10 15.88 -21.28
C GLU A 128 -0.54 14.50 -21.77
N ASP A 129 0.40 13.62 -22.11
CA ASP A 129 0.02 12.25 -22.43
C ASP A 129 -0.30 11.43 -21.18
N LEU A 130 0.05 11.93 -20.00
CA LEU A 130 -0.13 11.22 -18.73
C LEU A 130 0.54 9.86 -18.74
N SER A 131 1.60 9.71 -19.55
CA SER A 131 2.31 8.45 -19.65
C SER A 131 3.83 8.61 -19.72
N SER A 132 4.35 9.83 -19.89
CA SER A 132 5.77 10.06 -20.01
C SER A 132 6.16 11.28 -19.19
N TRP A 133 7.44 11.33 -18.83
CA TRP A 133 7.97 12.42 -17.99
C TRP A 133 8.84 13.39 -18.80
N THR A 134 9.10 14.57 -18.25
CA THR A 134 9.96 15.58 -18.91
C THR A 134 11.04 15.94 -17.89
N ALA A 135 12.16 15.22 -17.94
CA ALA A 135 13.25 15.45 -16.98
C ALA A 135 14.12 16.61 -17.43
N ALA A 136 14.31 17.59 -16.56
CA ALA A 136 15.11 18.79 -16.91
C ALA A 136 16.59 18.48 -16.78
N ASP A 137 17.05 18.27 -15.56
CA ASP A 137 18.47 18.05 -15.34
C ASP A 137 18.87 16.62 -15.71
N THR A 138 20.18 16.38 -15.72
CA THR A 138 20.66 15.01 -15.84
C THR A 138 20.31 14.19 -14.60
N ALA A 139 20.14 14.85 -13.45
CA ALA A 139 19.80 14.13 -12.23
C ALA A 139 18.37 13.60 -12.29
N ALA A 140 17.44 14.40 -12.83
CA ALA A 140 16.05 13.95 -12.92
C ALA A 140 15.90 12.78 -13.89
N GLN A 141 16.78 12.68 -14.88
CA GLN A 141 16.71 11.55 -15.82
C GLN A 141 16.99 10.24 -15.12
N ILE A 142 17.80 10.26 -14.05
CA ILE A 142 17.95 9.08 -13.21
C ILE A 142 16.63 8.74 -12.54
N THR A 143 15.92 9.77 -12.04
CA THR A 143 14.62 9.55 -11.42
C THR A 143 13.59 9.10 -12.46
N GLN A 144 13.62 9.69 -13.65
CA GLN A 144 12.70 9.29 -14.72
C GLN A 144 12.81 7.80 -15.01
N ARG A 145 14.03 7.28 -15.09
CA ARG A 145 14.22 5.85 -15.30
C ARG A 145 13.56 5.03 -14.19
N LYS A 146 13.74 5.46 -12.94
CA LYS A 146 13.14 4.75 -11.82
C LYS A 146 11.62 4.75 -11.92
N TRP A 147 11.03 5.90 -12.22
CA TRP A 147 9.58 5.98 -12.35
C TRP A 147 9.09 5.25 -13.59
N GLU A 148 9.90 5.24 -14.65
CA GLU A 148 9.53 4.48 -15.84
C GLU A 148 9.54 2.98 -15.57
N ALA A 149 10.43 2.51 -14.70
CA ALA A 149 10.47 1.10 -14.35
C ALA A 149 9.38 0.72 -13.36
N ALA A 150 9.02 1.64 -12.47
CA ALA A 150 8.02 1.37 -11.43
C ALA A 150 6.61 1.68 -11.88
N ARG A 151 6.41 2.09 -13.14
CA ARG A 151 5.10 2.39 -13.68
C ARG A 151 4.37 3.41 -12.82
N VAL A 152 5.12 4.43 -12.35
CA VAL A 152 4.55 5.44 -11.47
C VAL A 152 3.49 6.25 -12.20
N ALA A 153 3.82 6.74 -13.39
CA ALA A 153 2.88 7.56 -14.16
C ALA A 153 1.58 6.83 -14.42
N GLU A 154 1.64 5.51 -14.62
CA GLU A 154 0.43 4.72 -14.80
C GLU A 154 -0.48 4.84 -13.59
N GLN A 155 0.08 4.68 -12.39
CA GLN A 155 -0.70 4.86 -11.17
C GLN A 155 -1.22 6.29 -11.06
N LEU A 156 -0.46 7.26 -11.54
CA LEU A 156 -0.91 8.65 -11.50
C LEU A 156 -2.01 8.92 -12.50
N ARG A 157 -2.02 8.21 -13.63
CA ARG A 157 -3.07 8.41 -14.63
C ARG A 157 -4.43 7.96 -14.12
N ALA A 158 -4.47 6.91 -13.30
CA ALA A 158 -5.74 6.48 -12.73
C ALA A 158 -6.32 7.55 -11.81
N TYR A 159 -5.49 8.13 -10.95
CA TYR A 159 -5.96 9.20 -10.08
C TYR A 159 -6.42 10.40 -10.89
N LEU A 160 -5.60 10.85 -11.84
CA LEU A 160 -5.90 12.06 -12.59
C LEU A 160 -7.15 11.91 -13.45
N GLU A 161 -7.34 10.75 -14.07
CA GLU A 161 -8.50 10.50 -14.89
C GLU A 161 -9.68 9.94 -14.11
N GLY A 162 -9.46 9.46 -12.89
CA GLY A 162 -10.53 8.92 -12.09
C GLY A 162 -10.81 9.71 -10.83
N LEU A 163 -10.17 9.32 -9.73
CA LEU A 163 -10.49 9.90 -8.42
C LEU A 163 -10.44 11.43 -8.43
N CYS A 164 -9.51 12.01 -9.19
CA CYS A 164 -9.40 13.47 -9.24
C CYS A 164 -10.67 14.10 -9.81
N VAL A 165 -11.17 13.57 -10.93
CA VAL A 165 -12.27 14.20 -11.63
C VAL A 165 -13.57 14.01 -10.85
N GLU A 166 -13.81 12.81 -10.32
CA GLU A 166 -15.05 12.56 -9.58
C GLU A 166 -15.19 13.52 -8.41
N TRP A 167 -14.14 13.65 -7.59
CA TRP A 167 -14.25 14.47 -6.39
C TRP A 167 -14.21 15.95 -6.72
N LEU A 168 -13.55 16.34 -7.81
CA LEU A 168 -13.62 17.73 -8.25
C LEU A 168 -15.06 18.11 -8.58
N ARG A 169 -15.75 17.25 -9.33
CA ARG A 169 -17.17 17.48 -9.59
C ARG A 169 -17.98 17.44 -8.30
N ARG A 170 -17.58 16.56 -7.37
CA ARG A 170 -18.25 16.49 -6.08
C ARG A 170 -18.09 17.79 -5.30
N TYR A 171 -16.87 18.32 -5.26
CA TYR A 171 -16.60 19.54 -4.51
C TYR A 171 -17.35 20.72 -5.10
N LEU A 172 -17.48 20.76 -6.43
CA LEU A 172 -18.09 21.91 -7.10
C LEU A 172 -19.58 22.03 -6.76
N GLU A 173 -20.30 20.90 -6.82
CA GLU A 173 -21.74 20.97 -6.61
C GLU A 173 -22.11 21.22 -5.15
N ASN A 174 -21.26 20.78 -4.21
CA ASN A 174 -21.58 21.02 -2.81
C ASN A 174 -21.25 22.43 -2.37
N GLY A 175 -20.26 23.07 -3.00
CA GLY A 175 -19.88 24.42 -2.64
C GLY A 175 -20.15 25.43 -3.72
N LYS A 176 -21.04 25.11 -4.66
CA LYS A 176 -21.34 26.00 -5.77
C LYS A 176 -21.78 27.38 -5.29
N GLU A 177 -22.34 27.46 -4.07
CA GLU A 177 -22.74 28.75 -3.52
C GLU A 177 -21.59 29.73 -3.48
N THR A 178 -20.39 29.24 -3.17
CA THR A 178 -19.18 30.07 -3.11
C THR A 178 -18.27 29.88 -4.32
N LEU A 179 -18.12 28.64 -4.78
CA LEU A 179 -17.16 28.36 -5.88
C LEU A 179 -17.56 29.07 -7.16
N GLN A 180 -18.87 29.16 -7.43
CA GLN A 180 -19.31 29.74 -8.71
C GLN A 180 -19.92 31.12 -8.48
N ARG A 181 -19.58 31.77 -7.35
CA ARG A 181 -20.13 33.11 -7.01
C ARG A 181 -19.72 34.14 -8.08
N ALA A 182 -18.46 34.13 -8.52
CA ALA A 182 -17.98 35.05 -9.58
C ALA A 182 -18.22 36.53 -9.19
N ASP A 183 -18.03 36.88 -7.92
CA ASP A 183 -18.19 38.28 -7.46
C ASP A 183 -17.43 39.22 -8.41
N PRO A 184 -18.12 40.16 -9.09
CA PRO A 184 -17.47 41.13 -9.99
C PRO A 184 -16.71 42.27 -9.27
N PRO A 185 -15.86 43.06 -9.95
CA PRO A 185 -15.02 44.09 -9.31
C PRO A 185 -15.61 45.48 -9.01
N LYS A 186 -14.75 46.44 -8.64
CA LYS A 186 -15.19 47.85 -8.39
C LYS A 186 -14.26 48.81 -9.13
N THR A 187 -14.59 50.10 -9.21
CA THR A 187 -13.68 51.11 -9.84
C THR A 187 -13.56 52.40 -9.02
N HIS A 188 -12.34 52.87 -8.75
CA HIS A 188 -12.11 54.16 -8.03
C HIS A 188 -10.94 54.87 -8.71
N VAL A 189 -11.05 56.19 -9.00
CA VAL A 189 -9.98 56.85 -9.79
C VAL A 189 -9.35 58.03 -9.03
N THR A 190 -8.02 58.10 -9.00
CA THR A 190 -7.29 59.18 -8.29
C THR A 190 -6.15 59.68 -9.18
N HIS A 191 -5.47 60.74 -8.76
CA HIS A 191 -4.31 61.27 -9.54
C HIS A 191 -3.31 61.90 -8.57
N HIS A 192 -2.12 61.29 -8.48
CA HIS A 192 -1.04 61.77 -7.56
C HIS A 192 0.01 62.55 -8.37
N PRO A 193 0.00 63.91 -8.45
CA PRO A 193 0.89 64.64 -9.36
C PRO A 193 2.21 65.24 -8.85
N VAL A 194 3.31 64.99 -9.56
CA VAL A 194 4.59 65.65 -9.21
C VAL A 194 4.39 67.15 -9.46
N SER A 195 3.67 67.51 -10.53
CA SER A 195 3.34 68.93 -10.87
C SER A 195 4.47 69.62 -11.64
N ASP A 196 5.59 68.93 -11.86
CA ASP A 196 6.67 69.51 -12.71
C ASP A 196 6.37 69.09 -14.14
N HIS A 197 5.37 69.70 -14.79
CA HIS A 197 4.93 69.30 -16.16
C HIS A 197 4.63 67.79 -16.20
N GLU A 198 4.12 67.23 -15.10
CA GLU A 198 3.86 65.76 -15.03
C GLU A 198 2.84 65.43 -13.93
N ALA A 199 2.20 64.26 -14.02
CA ALA A 199 1.26 63.82 -12.96
C ALA A 199 1.13 62.29 -13.01
N THR A 200 0.76 61.63 -11.91
CA THR A 200 0.49 60.17 -11.95
C THR A 200 -1.02 59.97 -11.76
N LEU A 201 -1.63 58.96 -12.41
CA LEU A 201 -3.07 58.64 -12.23
C LEU A 201 -3.24 57.13 -12.06
N ARG A 202 -4.26 56.69 -11.33
CA ARG A 202 -4.38 55.23 -11.04
C ARG A 202 -5.79 54.67 -11.26
N CYS A 203 -5.91 53.57 -12.00
CA CYS A 203 -7.18 52.87 -12.20
C CYS A 203 -7.21 51.67 -11.27
N TRP A 204 -8.27 51.57 -10.46
CA TRP A 204 -8.28 50.53 -9.39
C TRP A 204 -9.35 49.46 -9.60
N ALA A 205 -9.27 48.35 -8.87
CA ALA A 205 -10.33 47.32 -8.88
C ALA A 205 -10.45 46.76 -7.46
N LEU A 206 -11.66 46.48 -6.97
CA LEU A 206 -11.79 46.04 -5.55
C LEU A 206 -12.77 44.87 -5.39
N GLY A 207 -12.54 43.96 -4.44
CA GLY A 207 -13.50 42.88 -4.13
C GLY A 207 -13.97 42.07 -5.31
N PHE A 208 -13.05 41.46 -6.06
CA PHE A 208 -13.43 40.60 -7.21
C PHE A 208 -12.90 39.18 -6.99
N TYR A 209 -13.55 38.19 -7.61
CA TYR A 209 -13.05 36.79 -7.54
C TYR A 209 -13.67 35.97 -8.68
N PRO A 210 -12.91 35.29 -9.59
CA PRO A 210 -11.53 34.89 -9.35
C PRO A 210 -10.51 36.01 -9.58
N ALA A 211 -9.26 35.74 -9.22
CA ALA A 211 -8.21 36.75 -9.33
C ALA A 211 -7.91 37.15 -10.77
N GLU A 212 -8.50 36.47 -11.75
CA GLU A 212 -8.25 36.82 -13.13
C GLU A 212 -8.88 38.17 -13.46
N ILE A 213 -8.05 39.12 -13.87
CA ILE A 213 -8.50 40.49 -14.13
C ILE A 213 -7.49 41.12 -15.07
N THR A 214 -7.97 42.02 -15.93
CA THR A 214 -7.13 42.76 -16.86
C THR A 214 -7.29 44.25 -16.62
N LEU A 215 -6.16 44.95 -16.48
CA LEU A 215 -6.15 46.40 -16.34
C LEU A 215 -5.20 46.97 -17.39
N THR A 216 -5.73 47.82 -18.27
CA THR A 216 -4.96 48.35 -19.38
C THR A 216 -5.23 49.84 -19.52
N TRP A 217 -4.18 50.61 -19.79
CA TRP A 217 -4.26 52.05 -19.93
C TRP A 217 -4.06 52.44 -21.39
N GLN A 218 -5.01 52.08 -22.24
CA GLN A 218 -4.93 52.52 -23.65
C GLN A 218 -5.16 54.04 -23.69
N ARG A 219 -4.29 54.83 -24.30
CA ARG A 219 -4.51 56.31 -24.26
C ARG A 219 -5.40 56.72 -25.43
N ASP A 220 -6.72 56.54 -25.31
CA ASP A 220 -7.63 56.82 -26.47
C ASP A 220 -7.12 56.01 -27.66
N GLY A 221 -6.71 54.76 -27.41
CA GLY A 221 -6.11 53.95 -28.49
C GLY A 221 -4.83 54.57 -29.02
N GLU A 222 -4.03 55.20 -28.15
CA GLU A 222 -2.72 55.74 -28.60
C GLU A 222 -1.77 54.55 -28.78
N ASP A 223 -0.85 54.66 -29.74
CA ASP A 223 0.06 53.54 -30.01
C ASP A 223 0.79 53.08 -28.75
N GLN A 224 0.97 53.96 -27.76
CA GLN A 224 1.74 53.63 -26.57
C GLN A 224 0.80 53.39 -25.40
N THR A 225 0.88 52.19 -24.83
CA THR A 225 0.09 51.80 -23.67
C THR A 225 0.92 51.19 -22.55
N GLN A 226 2.24 51.11 -22.70
CA GLN A 226 3.08 50.34 -21.79
C GLN A 226 3.92 51.19 -20.85
N ASP A 227 3.76 52.51 -20.86
CA ASP A 227 4.44 53.34 -19.86
C ASP A 227 3.93 53.07 -18.44
N THR A 228 2.86 52.30 -18.30
CA THR A 228 2.15 52.17 -17.04
C THR A 228 2.88 51.24 -16.09
N GLU A 229 2.64 51.45 -14.80
CA GLU A 229 3.21 50.62 -13.74
C GLU A 229 2.08 49.79 -13.14
N LEU A 230 2.02 48.53 -13.54
CA LEU A 230 1.03 47.59 -13.04
C LEU A 230 1.56 46.84 -11.82
N VAL A 231 0.66 46.49 -10.91
CA VAL A 231 1.07 45.69 -9.72
C VAL A 231 0.25 44.39 -9.71
N GLU A 232 0.77 43.38 -9.04
CA GLU A 232 0.07 42.07 -8.95
C GLU A 232 -1.14 42.21 -8.03
N THR A 233 -2.16 41.37 -8.25
CA THR A 233 -3.36 41.41 -7.37
C THR A 233 -2.91 41.13 -5.94
N ARG A 234 -3.38 41.93 -4.99
CA ARG A 234 -2.95 41.79 -3.57
C ARG A 234 -4.18 41.46 -2.74
N PRO A 235 -4.13 40.39 -1.91
CA PRO A 235 -5.30 39.98 -1.15
C PRO A 235 -5.66 41.05 -0.13
N ALA A 236 -6.96 41.31 0.05
CA ALA A 236 -7.38 42.26 1.10
C ALA A 236 -7.36 41.54 2.44
N GLY A 237 -7.33 40.21 2.42
CA GLY A 237 -7.41 39.46 3.68
C GLY A 237 -8.84 39.40 4.15
N ASP A 238 -9.76 39.94 3.35
CA ASP A 238 -11.20 39.87 3.67
C ASP A 238 -11.79 38.78 2.78
N ARG A 239 -10.91 37.94 2.19
CA ARG A 239 -11.36 36.92 1.21
C ARG A 239 -11.69 37.69 -0.07
N THR A 240 -11.25 38.94 -0.13
CA THR A 240 -11.52 39.79 -1.32
C THR A 240 -10.19 40.16 -1.95
N PHE A 241 -10.21 40.63 -3.20
CA PHE A 241 -8.97 40.93 -3.94
C PHE A 241 -8.91 42.42 -4.35
N GLN A 242 -7.71 42.99 -4.39
CA GLN A 242 -7.53 44.41 -4.77
C GLN A 242 -6.41 44.55 -5.80
N LYS A 243 -6.54 45.45 -6.77
CA LYS A 243 -5.45 45.70 -7.76
C LYS A 243 -5.54 47.15 -8.26
N TRP A 244 -4.40 47.82 -8.44
CA TRP A 244 -4.44 49.19 -9.02
C TRP A 244 -3.40 49.31 -10.12
N ALA A 245 -3.66 50.13 -11.13
CA ALA A 245 -2.71 50.34 -12.25
C ALA A 245 -2.33 51.80 -12.28
N ALA A 246 -1.03 52.11 -12.44
CA ALA A 246 -0.60 53.49 -12.37
C ALA A 246 -0.04 53.95 -13.71
N VAL A 247 -0.13 55.26 -13.96
CA VAL A 247 0.37 55.86 -15.19
C VAL A 247 0.83 57.28 -14.87
N VAL A 248 1.98 57.66 -15.42
CA VAL A 248 2.48 59.02 -15.32
C VAL A 248 2.23 59.70 -16.65
N VAL A 249 1.32 60.67 -16.67
CA VAL A 249 0.95 61.39 -17.89
C VAL A 249 1.52 62.80 -17.81
N PRO A 250 2.20 63.27 -18.85
CA PRO A 250 2.57 64.68 -18.92
C PRO A 250 1.35 65.57 -18.71
N SER A 251 1.53 66.61 -17.90
CA SER A 251 0.42 67.52 -17.58
C SER A 251 -0.15 68.12 -18.85
N GLY A 252 -1.46 67.94 -19.05
CA GLY A 252 -2.12 68.41 -20.26
C GLY A 252 -2.82 67.30 -21.01
N GLU A 253 -2.99 66.15 -20.36
CA GLU A 253 -3.70 65.01 -20.93
C GLU A 253 -4.50 64.35 -19.79
N GLU A 254 -5.50 65.09 -19.30
CA GLU A 254 -6.27 64.63 -18.15
C GLU A 254 -7.12 63.42 -18.50
N GLN A 255 -7.91 63.52 -19.57
CA GLN A 255 -8.85 62.47 -19.93
C GLN A 255 -8.57 61.89 -21.32
N ARG A 256 -7.36 62.08 -21.84
CA ARG A 256 -7.01 61.47 -23.11
C ARG A 256 -6.88 59.95 -22.97
N TYR A 257 -6.32 59.49 -21.86
CA TYR A 257 -6.13 58.06 -21.62
C TYR A 257 -7.46 57.39 -21.29
N THR A 258 -7.53 56.09 -21.59
CA THR A 258 -8.74 55.30 -21.38
C THR A 258 -8.37 54.01 -20.66
N CYS A 259 -8.74 53.92 -19.38
CA CYS A 259 -8.55 52.69 -18.63
C CYS A 259 -9.42 51.58 -19.22
N HIS A 260 -8.95 50.34 -19.09
CA HIS A 260 -9.66 49.18 -19.64
C HIS A 260 -9.80 48.15 -18.52
N VAL A 261 -11.03 47.99 -18.03
CA VAL A 261 -11.34 47.07 -16.94
C VAL A 261 -11.98 45.81 -17.52
N GLN A 262 -11.51 44.65 -17.08
CA GLN A 262 -12.06 43.37 -17.53
C GLN A 262 -12.07 42.38 -16.38
N HIS A 263 -13.24 41.78 -16.13
CA HIS A 263 -13.38 40.71 -15.15
C HIS A 263 -14.45 39.76 -15.64
N GLU A 264 -14.29 38.48 -15.29
CA GLU A 264 -15.23 37.47 -15.77
C GLU A 264 -16.62 37.66 -15.19
N GLY A 265 -16.71 38.11 -13.94
CA GLY A 265 -18.01 38.33 -13.32
C GLY A 265 -18.83 39.39 -14.04
N LEU A 266 -18.17 40.41 -14.58
CA LEU A 266 -18.84 41.44 -15.38
C LEU A 266 -18.85 40.99 -16.84
N PRO A 267 -19.99 40.53 -17.36
CA PRO A 267 -20.00 39.98 -18.72
C PRO A 267 -19.62 41.01 -19.79
N LYS A 268 -20.16 42.22 -19.69
CA LYS A 268 -19.79 43.26 -20.65
C LYS A 268 -18.47 43.90 -20.23
N PRO A 269 -17.60 44.23 -21.18
CA PRO A 269 -16.39 44.97 -20.84
C PRO A 269 -16.73 46.34 -20.29
N LEU A 270 -16.00 46.75 -19.25
CA LEU A 270 -16.24 48.01 -18.57
C LEU A 270 -15.12 48.98 -18.90
N THR A 271 -15.47 50.07 -19.59
CA THR A 271 -14.48 51.14 -19.86
C THR A 271 -14.95 52.38 -19.09
N LEU A 272 -14.46 52.58 -17.87
CA LEU A 272 -14.93 53.72 -17.02
C LEU A 272 -13.77 54.69 -16.76
N ARG A 273 -14.01 56.00 -16.93
CA ARG A 273 -12.93 57.01 -16.77
C ARG A 273 -13.36 58.13 -15.83
N TRP A 274 -12.44 59.05 -15.51
CA TRP A 274 -12.74 60.18 -14.60
C TRP A 274 -13.63 61.20 -15.31
N MET B 1 20.71 26.51 -4.62
CA MET B 1 19.53 27.26 -4.12
C MET B 1 19.39 28.57 -4.91
N ILE B 2 18.40 28.66 -5.79
CA ILE B 2 18.16 29.94 -6.50
C ILE B 2 17.68 30.95 -5.48
N GLN B 3 18.07 32.21 -5.65
CA GLN B 3 17.68 33.27 -4.70
C GLN B 3 16.73 34.23 -5.41
N ARG B 4 15.53 34.40 -4.88
CA ARG B 4 14.58 35.35 -5.48
C ARG B 4 14.21 36.40 -4.44
N THR B 5 14.31 37.67 -4.78
CA THR B 5 14.09 38.77 -3.80
C THR B 5 12.60 38.89 -3.45
N PRO B 6 12.19 39.11 -2.18
CA PRO B 6 10.78 39.30 -1.85
C PRO B 6 10.24 40.59 -2.46
N LYS B 7 8.96 40.55 -2.82
CA LYS B 7 8.25 41.72 -3.33
C LYS B 7 7.23 42.14 -2.28
N ILE B 8 7.35 43.37 -1.79
CA ILE B 8 6.61 43.86 -0.64
C ILE B 8 5.58 44.87 -1.10
N GLN B 9 4.36 44.75 -0.56
CA GLN B 9 3.24 45.59 -0.98
C GLN B 9 2.34 45.82 0.24
N VAL B 10 2.65 46.89 0.98
CA VAL B 10 1.87 47.22 2.20
C VAL B 10 0.68 48.10 1.84
N TYR B 11 -0.49 47.50 1.66
CA TYR B 11 -1.71 48.32 1.40
C TYR B 11 -2.88 47.85 2.26
N SER B 12 -3.55 48.79 2.94
CA SER B 12 -4.72 48.46 3.81
C SER B 12 -5.86 47.88 2.98
N ARG B 13 -6.51 46.84 3.48
CA ARG B 13 -7.66 46.23 2.77
C ARG B 13 -8.81 47.24 2.74
N HIS B 14 -9.03 47.96 3.84
CA HIS B 14 -10.17 48.91 3.92
C HIS B 14 -9.66 50.35 3.83
N PRO B 15 -10.42 51.35 3.29
CA PRO B 15 -9.85 52.69 3.06
C PRO B 15 -9.43 53.39 4.35
N ALA B 16 -8.36 54.16 4.26
CA ALA B 16 -7.85 54.90 5.39
C ALA B 16 -8.85 55.96 5.84
N GLU B 17 -8.73 56.35 7.12
CA GLU B 17 -9.76 57.17 7.74
C GLU B 17 -9.20 57.73 9.04
N ASN B 18 -9.74 58.88 9.46
CA ASN B 18 -9.20 59.59 10.61
C ASN B 18 -9.71 58.95 11.91
N GLY B 19 -8.79 58.38 12.68
CA GLY B 19 -9.10 57.89 14.01
C GLY B 19 -10.07 56.72 14.09
N LYS B 20 -10.02 55.80 13.13
CA LYS B 20 -10.83 54.59 13.18
C LYS B 20 -9.95 53.39 12.85
N SER B 21 -10.13 52.31 13.61
CA SER B 21 -9.32 51.12 13.46
C SER B 21 -9.44 50.56 12.04
N ASN B 22 -8.33 49.97 11.56
CA ASN B 22 -8.31 49.44 10.17
C ASN B 22 -7.41 48.22 10.08
N PHE B 23 -7.18 47.72 8.87
CA PHE B 23 -6.38 46.48 8.68
C PHE B 23 -5.07 46.85 8.01
N LEU B 24 -3.95 46.37 8.55
CA LEU B 24 -2.65 46.61 7.88
C LEU B 24 -2.25 45.32 7.17
N ASN B 25 -2.01 45.40 5.87
CA ASN B 25 -1.62 44.20 5.08
C ASN B 25 -0.21 44.39 4.52
N CYS B 26 0.68 43.41 4.65
CA CYS B 26 2.04 43.46 4.12
C CYS B 26 2.26 42.22 3.25
N TYR B 27 1.91 42.35 1.97
CA TYR B 27 1.98 41.22 1.05
C TYR B 27 3.43 40.96 0.66
N VAL B 28 3.90 39.73 0.89
CA VAL B 28 5.23 39.29 0.49
C VAL B 28 5.07 38.23 -0.59
N SER B 29 5.57 38.51 -1.78
CA SER B 29 5.38 37.63 -2.92
C SER B 29 6.70 37.49 -3.68
N GLY B 30 6.83 36.36 -4.38
CA GLY B 30 7.97 36.15 -5.25
C GLY B 30 9.28 35.86 -4.54
N PHE B 31 9.25 35.39 -3.31
CA PHE B 31 10.47 35.12 -2.56
C PHE B 31 10.75 33.62 -2.49
N HIS B 32 12.02 33.29 -2.63
CA HIS B 32 12.48 31.88 -2.51
C HIS B 32 13.98 31.99 -2.25
N PRO B 33 14.54 31.46 -1.14
CA PRO B 33 13.92 30.47 -0.25
C PRO B 33 12.74 30.89 0.65
N SER B 34 12.10 29.92 1.30
CA SER B 34 10.87 30.21 2.08
C SER B 34 11.12 30.98 3.37
N ASP B 35 12.19 30.69 4.10
CA ASP B 35 12.34 31.33 5.43
C ASP B 35 12.35 32.85 5.25
N ILE B 36 11.46 33.52 5.98
CA ILE B 36 11.36 35.00 5.87
C ILE B 36 11.11 35.55 7.26
N GLU B 37 11.63 36.74 7.54
CA GLU B 37 11.35 37.38 8.84
C GLU B 37 10.62 38.69 8.53
N VAL B 38 9.32 38.71 8.78
CA VAL B 38 8.54 39.90 8.49
C VAL B 38 7.84 40.34 9.77
N ASP B 39 7.92 41.64 10.06
CA ASP B 39 7.25 42.23 11.21
C ASP B 39 6.67 43.57 10.80
N LEU B 40 5.66 44.03 11.53
CA LEU B 40 5.04 45.34 11.26
C LEU B 40 5.49 46.31 12.34
N LEU B 41 5.89 47.53 11.97
CA LEU B 41 6.47 48.44 13.00
C LEU B 41 5.57 49.66 13.20
N LYS B 42 5.36 50.07 14.46
CA LYS B 42 4.60 51.32 14.74
C LYS B 42 5.60 52.36 15.23
N ASN B 43 5.83 53.41 14.44
CA ASN B 43 6.83 54.44 14.81
C ASN B 43 8.14 53.75 15.11
N GLY B 44 8.47 52.71 14.33
CA GLY B 44 9.75 52.00 14.51
C GLY B 44 9.74 51.03 15.69
N GLU B 45 8.57 50.78 16.30
CA GLU B 45 8.47 49.79 17.41
C GLU B 45 7.66 48.57 16.95
N ARG B 46 8.21 47.37 17.12
CA ARG B 46 7.52 46.15 16.62
C ARG B 46 6.19 45.95 17.33
N ILE B 47 5.12 45.72 16.56
CA ILE B 47 3.80 45.40 17.18
C ILE B 47 3.84 43.92 17.53
N GLU B 48 3.85 43.59 18.82
CA GLU B 48 3.95 42.21 19.25
C GLU B 48 2.66 41.42 19.03
N LYS B 49 1.65 42.05 18.45
CA LYS B 49 0.40 41.38 18.07
C LYS B 49 0.36 41.31 16.55
N VAL B 50 0.53 40.11 16.01
CA VAL B 50 0.53 39.96 14.53
C VAL B 50 0.01 38.58 14.16
N GLU B 51 -0.76 38.49 13.08
CA GLU B 51 -1.24 37.17 12.59
C GLU B 51 -0.82 37.04 11.14
N HIS B 52 -0.16 35.94 10.79
CA HIS B 52 0.30 35.73 9.40
C HIS B 52 -0.56 34.64 8.74
N SER B 53 -0.91 34.84 7.47
CA SER B 53 -1.68 33.81 6.73
C SER B 53 -0.78 32.60 6.50
N ASP B 54 -1.39 31.44 6.28
CA ASP B 54 -0.60 30.19 6.12
C ASP B 54 0.23 30.25 4.83
N LEU B 55 1.36 29.55 4.80
CA LEU B 55 2.28 29.64 3.65
C LEU B 55 1.79 28.88 2.43
N SER B 56 1.99 29.44 1.25
CA SER B 56 1.64 28.82 -0.02
C SER B 56 2.62 29.31 -1.07
N PHE B 57 2.65 28.62 -2.21
CA PHE B 57 3.54 29.01 -3.30
C PHE B 57 2.78 29.02 -4.62
N SER B 58 3.35 29.74 -5.60
CA SER B 58 2.69 30.02 -6.87
C SER B 58 3.25 29.13 -7.97
N LYS B 59 2.72 29.33 -9.18
CA LYS B 59 3.10 28.48 -10.32
C LYS B 59 4.57 28.61 -10.67
N ASP B 60 5.20 29.73 -10.33
CA ASP B 60 6.62 29.92 -10.57
C ASP B 60 7.49 29.41 -9.43
N TRP B 61 6.90 28.62 -8.52
CA TRP B 61 7.57 28.06 -7.35
C TRP B 61 7.97 29.12 -6.33
N SER B 62 7.30 30.28 -6.34
CA SER B 62 7.56 31.35 -5.38
C SER B 62 6.55 31.28 -4.25
N PHE B 63 7.05 31.34 -3.02
CA PHE B 63 6.17 31.39 -1.86
C PHE B 63 5.60 32.80 -1.71
N TYR B 64 4.36 32.86 -1.21
CA TYR B 64 3.71 34.13 -0.95
C TYR B 64 3.00 34.06 0.39
N LEU B 65 3.06 35.15 1.15
CA LEU B 65 2.56 35.14 2.52
C LEU B 65 2.05 36.54 2.86
N LEU B 66 1.12 36.59 3.81
CA LEU B 66 0.54 37.84 4.28
C LEU B 66 0.60 37.92 5.79
N TYR B 67 0.91 39.11 6.32
CA TYR B 67 0.76 39.43 7.72
C TYR B 67 -0.33 40.48 7.89
N TYR B 68 -1.18 40.32 8.91
CA TYR B 68 -2.22 41.30 9.18
C TYR B 68 -2.33 41.56 10.66
N THR B 69 -2.44 42.84 11.02
CA THR B 69 -2.65 43.28 12.40
C THR B 69 -3.65 44.43 12.39
N GLU B 70 -4.09 44.81 13.59
CA GLU B 70 -5.07 45.87 13.76
C GLU B 70 -4.36 47.17 14.11
N PHE B 71 -4.57 48.21 13.31
CA PHE B 71 -3.95 49.50 13.53
C PHE B 71 -4.97 50.61 13.34
N THR B 72 -4.88 51.65 14.18
CA THR B 72 -5.77 52.80 14.09
C THR B 72 -5.01 53.95 13.44
N PRO B 73 -5.23 54.23 12.16
CA PRO B 73 -4.47 55.29 11.49
C PRO B 73 -4.77 56.66 12.06
N THR B 74 -3.72 57.45 12.26
CA THR B 74 -3.83 58.85 12.65
C THR B 74 -3.04 59.68 11.65
N GLU B 75 -3.32 60.99 11.62
CA GLU B 75 -2.80 61.84 10.55
C GLU B 75 -1.29 62.01 10.60
N LYS B 76 -0.61 61.59 11.67
CA LYS B 76 0.83 61.44 11.57
C LYS B 76 1.20 60.39 10.54
N ASP B 77 0.27 59.47 10.29
CA ASP B 77 0.47 58.44 9.23
C ASP B 77 1.88 57.84 9.33
N GLU B 78 2.27 57.36 10.52
CA GLU B 78 3.58 56.68 10.62
C GLU B 78 3.34 55.19 10.89
N TYR B 79 3.58 54.36 9.88
CA TYR B 79 3.43 52.88 10.02
C TYR B 79 4.33 52.26 8.97
N ALA B 80 4.77 51.01 9.17
CA ALA B 80 5.74 50.44 8.22
C ALA B 80 5.76 48.92 8.26
N CYS B 81 6.76 48.33 7.60
CA CYS B 81 6.87 46.88 7.52
C CYS B 81 8.33 46.54 7.27
N ARG B 82 8.92 45.71 8.13
CA ARG B 82 10.31 45.33 8.03
C ARG B 82 10.42 43.86 7.66
N VAL B 83 11.22 43.56 6.64
CA VAL B 83 11.32 42.22 6.07
C VAL B 83 12.80 41.87 5.95
N ASN B 84 13.14 40.63 6.35
CA ASN B 84 14.51 40.13 6.20
C ASN B 84 14.45 38.81 5.44
N HIS B 85 15.28 38.71 4.40
CA HIS B 85 15.44 37.50 3.63
C HIS B 85 16.93 37.29 3.37
N VAL B 86 17.31 36.03 3.09
CA VAL B 86 18.71 35.73 2.85
C VAL B 86 19.24 36.52 1.65
N THR B 87 18.38 36.78 0.67
CA THR B 87 18.81 37.58 -0.49
C THR B 87 18.98 39.05 -0.12
N LEU B 88 18.27 39.52 0.90
CA LEU B 88 18.43 40.88 1.38
C LEU B 88 19.72 40.98 2.17
N SER B 89 20.73 41.65 1.60
CA SER B 89 22.00 41.80 2.30
C SER B 89 21.82 42.54 3.63
N GLN B 90 20.97 43.57 3.63
CA GLN B 90 20.62 44.30 4.83
C GLN B 90 19.10 44.43 4.90
N PRO B 91 18.52 44.39 6.10
CA PRO B 91 17.06 44.44 6.20
C PRO B 91 16.48 45.67 5.54
N LYS B 92 15.39 45.46 4.79
CA LYS B 92 14.72 46.52 4.05
C LYS B 92 13.41 46.87 4.75
N ILE B 93 13.12 48.17 4.84
CA ILE B 93 11.94 48.68 5.49
C ILE B 93 11.13 49.48 4.48
N VAL B 94 9.81 49.34 4.53
CA VAL B 94 8.91 50.00 3.58
C VAL B 94 7.79 50.67 4.37
N LYS B 95 7.71 52.00 4.24
CA LYS B 95 6.74 52.80 5.04
C LYS B 95 5.35 52.77 4.40
N TRP B 96 4.31 52.70 5.23
CA TRP B 96 2.92 52.70 4.73
C TRP B 96 2.55 54.11 4.29
N ASP B 97 1.94 54.23 3.11
CA ASP B 97 1.47 55.55 2.62
C ASP B 97 -0.05 55.46 2.53
N ARG B 98 -0.77 56.43 3.11
CA ARG B 98 -2.24 56.27 3.10
C ARG B 98 -2.66 56.21 1.64
N ASP B 99 -2.16 57.14 0.82
CA ASP B 99 -2.42 57.10 -0.64
C ASP B 99 -1.35 57.99 -1.29
N MET B 100 -0.86 57.63 -2.47
CA MET B 100 0.13 58.46 -3.22
C MET B 100 0.54 57.66 -4.45
N GLN C 1 -9.33 15.13 -3.06
CA GLN C 1 -8.70 13.91 -2.57
C GLN C 1 -7.26 13.80 -3.08
N ALA C 2 -6.36 13.33 -2.21
CA ALA C 2 -4.95 13.30 -2.52
C ALA C 2 -4.56 11.97 -3.18
N SER C 3 -3.54 12.04 -4.04
CA SER C 3 -3.02 10.84 -4.68
C SER C 3 -2.22 10.01 -3.67
N GLN C 4 -2.60 8.75 -3.52
CA GLN C 4 -1.85 7.83 -2.66
C GLN C 4 -0.58 7.31 -3.31
N GLU C 5 -0.34 7.67 -4.58
CA GLU C 5 0.81 7.15 -5.31
C GLU C 5 2.10 7.68 -4.71
N VAL C 6 2.96 6.78 -4.25
CA VAL C 6 4.25 7.17 -3.70
C VAL C 6 5.23 7.35 -4.85
N LYS C 7 5.87 8.52 -4.89
CA LYS C 7 6.92 8.81 -5.86
C LYS C 7 8.24 8.91 -5.10
N ASN C 8 9.13 7.97 -5.36
CA ASN C 8 10.45 7.91 -4.73
C ASN C 8 11.50 8.33 -5.75
N TRP C 9 12.22 9.40 -5.46
CA TRP C 9 13.24 9.90 -6.36
C TRP C 9 14.43 8.95 -6.41
N LYS D 2 -9.38 -1.61 12.69
CA LYS D 2 -10.29 -0.59 12.18
C LYS D 2 -10.88 -1.03 10.83
N GLN D 3 -10.03 -1.55 9.97
CA GLN D 3 -10.44 -2.13 8.69
C GLN D 3 -10.44 -3.64 8.84
N GLU D 4 -11.63 -4.24 8.89
CA GLU D 4 -11.78 -5.67 9.09
C GLU D 4 -12.40 -6.31 7.86
N VAL D 5 -11.82 -7.41 7.41
CA VAL D 5 -12.33 -8.20 6.29
C VAL D 5 -12.80 -9.53 6.82
N THR D 6 -14.03 -9.90 6.49
CA THR D 6 -14.65 -11.12 6.99
C THR D 6 -15.04 -12.01 5.82
N GLN D 7 -14.57 -13.25 5.84
CA GLN D 7 -14.87 -14.25 4.82
C GLN D 7 -15.78 -15.31 5.43
N ILE D 8 -17.08 -15.20 5.16
CA ILE D 8 -18.04 -16.22 5.56
C ILE D 8 -18.68 -16.80 4.32
N PRO D 9 -18.84 -18.13 4.21
CA PRO D 9 -18.45 -19.11 5.24
C PRO D 9 -16.93 -19.36 5.28
N ALA D 10 -16.44 -19.84 6.43
CA ALA D 10 -15.01 -20.10 6.60
C ALA D 10 -14.58 -21.43 6.00
N ALA D 11 -15.51 -22.26 5.56
CA ALA D 11 -15.18 -23.54 4.97
C ALA D 11 -16.30 -23.97 4.03
N LEU D 12 -15.95 -24.79 3.04
CA LEU D 12 -16.93 -25.29 2.09
C LEU D 12 -16.56 -26.70 1.68
N SER D 13 -17.58 -27.49 1.36
CA SER D 13 -17.41 -28.85 0.85
C SER D 13 -18.35 -29.00 -0.34
N VAL D 14 -17.78 -29.03 -1.55
CA VAL D 14 -18.58 -29.01 -2.77
C VAL D 14 -18.29 -30.26 -3.58
N PRO D 15 -19.31 -30.93 -4.11
CA PRO D 15 -19.07 -32.07 -5.00
C PRO D 15 -18.30 -31.65 -6.25
N GLU D 16 -17.65 -32.63 -6.87
CA GLU D 16 -16.89 -32.35 -8.08
C GLU D 16 -17.82 -31.90 -9.20
N GLY D 17 -17.39 -30.87 -9.93
CA GLY D 17 -18.16 -30.36 -11.04
C GLY D 17 -19.27 -29.39 -10.69
N GLU D 18 -19.49 -29.12 -9.40
CA GLU D 18 -20.54 -28.21 -8.96
C GLU D 18 -19.95 -26.82 -8.73
N ASN D 19 -20.64 -25.81 -9.24
CA ASN D 19 -20.17 -24.43 -9.09
C ASN D 19 -20.44 -23.94 -7.67
N LEU D 20 -19.49 -23.16 -7.15
CA LEU D 20 -19.57 -22.68 -5.77
C LEU D 20 -19.20 -21.21 -5.72
N VAL D 21 -19.57 -20.56 -4.63
CA VAL D 21 -19.38 -19.12 -4.46
C VAL D 21 -18.69 -18.89 -3.12
N LEU D 22 -17.61 -18.12 -3.15
CA LEU D 22 -16.89 -17.73 -1.94
C LEU D 22 -17.13 -16.24 -1.70
N ASN D 23 -17.51 -15.90 -0.47
CA ASN D 23 -17.97 -14.55 -0.17
C ASN D 23 -16.96 -13.82 0.72
N CYS D 24 -16.97 -12.49 0.59
CA CYS D 24 -16.02 -11.62 1.26
C CYS D 24 -16.72 -10.30 1.56
N SER D 25 -16.45 -9.75 2.74
CA SER D 25 -17.11 -8.54 3.20
C SER D 25 -16.06 -7.50 3.60
N PHE D 26 -16.35 -6.23 3.31
CA PHE D 26 -15.40 -5.16 3.54
C PHE D 26 -16.16 -3.84 3.73
N THR D 27 -15.40 -2.80 4.07
CA THR D 27 -15.95 -1.46 4.25
C THR D 27 -15.53 -0.59 3.06
N ASP D 28 -16.51 0.03 2.42
CA ASP D 28 -16.26 0.82 1.22
C ASP D 28 -15.36 2.02 1.52
N SER D 29 -14.41 2.26 0.64
CA SER D 29 -13.52 3.41 0.71
C SER D 29 -13.63 4.22 -0.58
N ALA D 30 -12.92 5.36 -0.61
CA ALA D 30 -12.96 6.21 -1.80
C ALA D 30 -12.39 5.48 -3.01
N ILE D 31 -11.26 4.81 -2.83
CA ILE D 31 -10.64 4.03 -3.90
C ILE D 31 -9.87 2.88 -3.26
N TYR D 32 -9.95 1.71 -3.87
CA TYR D 32 -9.33 0.51 -3.31
C TYR D 32 -9.34 -0.59 -4.36
N ASN D 33 -8.63 -1.67 -4.05
CA ASN D 33 -8.68 -2.89 -4.83
C ASN D 33 -9.02 -4.06 -3.91
N LEU D 34 -9.69 -5.05 -4.47
CA LEU D 34 -9.97 -6.31 -3.78
C LEU D 34 -9.25 -7.42 -4.55
N GLN D 35 -8.49 -8.25 -3.83
CA GLN D 35 -7.69 -9.29 -4.44
C GLN D 35 -8.00 -10.64 -3.81
N TRP D 36 -8.02 -11.67 -4.64
CA TRP D 36 -8.28 -13.03 -4.20
C TRP D 36 -7.03 -13.88 -4.39
N PHE D 37 -6.71 -14.69 -3.39
CA PHE D 37 -5.53 -15.54 -3.42
C PHE D 37 -5.93 -16.96 -3.07
N ARG D 38 -5.06 -17.92 -3.38
CA ARG D 38 -5.24 -19.29 -2.95
C ARG D 38 -3.94 -19.78 -2.31
N GLN D 39 -4.05 -20.34 -1.11
CA GLN D 39 -2.91 -20.84 -0.38
C GLN D 39 -2.91 -22.36 -0.45
N ASP D 40 -2.01 -22.91 -1.23
CA ASP D 40 -1.83 -24.35 -1.09
C ASP D 40 -0.69 -24.62 -0.12
N PRO D 41 -0.82 -25.65 0.73
CA PRO D 41 0.20 -25.90 1.76
C PRO D 41 1.61 -25.98 1.21
N GLY D 42 2.49 -25.08 1.68
CA GLY D 42 3.87 -25.03 1.24
C GLY D 42 4.12 -24.24 -0.02
N LYS D 43 3.08 -23.74 -0.68
CA LYS D 43 3.24 -23.00 -1.93
C LYS D 43 3.10 -21.49 -1.76
N GLY D 44 2.60 -21.03 -0.62
CA GLY D 44 2.41 -19.61 -0.43
C GLY D 44 1.13 -19.11 -1.09
N LEU D 45 1.09 -17.80 -1.32
CA LEU D 45 -0.09 -17.14 -1.87
C LEU D 45 0.06 -16.98 -3.37
N THR D 46 -0.88 -17.56 -4.12
CA THR D 46 -0.91 -17.44 -5.57
C THR D 46 -2.02 -16.48 -5.95
N SER D 47 -1.67 -15.39 -6.63
CA SER D 47 -2.65 -14.41 -7.05
C SER D 47 -3.62 -15.03 -8.07
N LEU D 48 -4.90 -14.73 -7.91
CA LEU D 48 -5.93 -15.29 -8.77
C LEU D 48 -6.65 -14.22 -9.58
N LEU D 49 -7.18 -13.18 -8.92
CA LEU D 49 -7.85 -12.10 -9.64
C LEU D 49 -7.77 -10.83 -8.82
N LEU D 50 -7.80 -9.69 -9.52
CA LEU D 50 -7.79 -8.38 -8.90
C LEU D 50 -8.99 -7.59 -9.42
N ILE D 51 -9.84 -7.13 -8.52
CA ILE D 51 -10.96 -6.27 -8.86
C ILE D 51 -10.71 -4.92 -8.17
N GLN D 52 -11.29 -3.88 -8.75
CA GLN D 52 -11.09 -2.52 -8.19
C GLN D 52 -12.44 -1.93 -7.79
N SER D 53 -12.44 -0.83 -7.06
CA SER D 53 -13.70 -0.22 -6.56
C SER D 53 -14.58 0.21 -7.73
N SER D 54 -13.97 0.74 -8.79
CA SER D 54 -14.71 1.21 -9.98
C SER D 54 -15.42 0.05 -10.66
N GLN D 55 -14.75 -1.10 -10.73
CA GLN D 55 -15.31 -2.23 -11.50
C GLN D 55 -16.37 -2.98 -10.71
N ARG D 56 -17.25 -3.69 -11.41
CA ARG D 56 -18.28 -4.51 -10.79
C ARG D 56 -18.03 -6.00 -10.91
N GLU D 57 -17.40 -6.44 -12.00
CA GLU D 57 -17.14 -7.85 -12.22
C GLU D 57 -15.80 -8.00 -12.94
N GLN D 58 -15.20 -9.17 -12.78
CA GLN D 58 -13.98 -9.53 -13.49
C GLN D 58 -13.92 -11.03 -13.62
N THR D 59 -13.61 -11.52 -14.82
CA THR D 59 -13.64 -12.94 -15.13
C THR D 59 -12.30 -13.38 -15.70
N SER D 60 -11.86 -14.58 -15.30
CA SER D 60 -10.71 -15.23 -15.89
C SER D 60 -10.95 -16.73 -15.87
N GLY D 61 -11.18 -17.31 -17.04
CA GLY D 61 -11.42 -18.73 -17.16
C GLY D 61 -12.61 -19.22 -16.36
N ARG D 62 -12.34 -19.98 -15.30
CA ARG D 62 -13.40 -20.54 -14.45
C ARG D 62 -13.67 -19.69 -13.22
N LEU D 63 -13.04 -18.53 -13.09
CA LEU D 63 -13.16 -17.68 -11.90
C LEU D 63 -13.80 -16.36 -12.28
N ASN D 64 -14.86 -15.99 -11.56
CA ASN D 64 -15.50 -14.70 -11.70
C ASN D 64 -15.54 -14.01 -10.35
N ALA D 65 -15.11 -12.76 -10.31
CA ALA D 65 -15.13 -11.95 -9.11
C ALA D 65 -16.11 -10.80 -9.27
N SER D 66 -16.85 -10.51 -8.20
CA SER D 66 -17.80 -9.41 -8.18
C SER D 66 -17.44 -8.44 -7.07
N LEU D 67 -17.95 -7.21 -7.18
CA LEU D 67 -17.74 -6.20 -6.16
C LEU D 67 -18.95 -5.26 -6.14
N ASP D 68 -19.55 -5.13 -4.96
CA ASP D 68 -20.64 -4.14 -4.80
C ASP D 68 -20.14 -3.12 -3.78
N LYS D 69 -19.85 -1.91 -4.24
CA LYS D 69 -19.36 -0.86 -3.32
C LYS D 69 -20.46 -0.61 -2.29
N SER D 70 -21.72 -0.61 -2.70
CA SER D 70 -22.83 -0.26 -1.76
C SER D 70 -22.96 -1.25 -0.60
N SER D 71 -22.81 -2.55 -0.84
CA SER D 71 -23.02 -3.52 0.26
C SER D 71 -21.71 -3.90 0.92
N GLY D 72 -20.60 -3.38 0.38
CA GLY D 72 -19.28 -3.76 0.92
C GLY D 72 -19.05 -5.26 0.89
N ARG D 73 -19.33 -5.88 -0.25
CA ARG D 73 -19.17 -7.36 -0.33
C ARG D 73 -18.67 -7.81 -1.70
N SER D 74 -17.89 -8.90 -1.74
CA SER D 74 -17.39 -9.46 -2.99
C SER D 74 -17.64 -10.96 -3.00
N THR D 75 -17.78 -11.51 -4.21
CA THR D 75 -18.00 -12.93 -4.40
C THR D 75 -16.98 -13.48 -5.39
N LEU D 76 -16.51 -14.70 -5.13
CA LEU D 76 -15.64 -15.42 -6.05
C LEU D 76 -16.38 -16.67 -6.53
N TYR D 77 -16.73 -16.67 -7.81
CA TYR D 77 -17.43 -17.79 -8.43
C TYR D 77 -16.42 -18.69 -9.13
N ILE D 78 -16.45 -19.97 -8.80
CA ILE D 78 -15.58 -20.97 -9.40
C ILE D 78 -16.45 -22.02 -10.07
N ALA D 79 -16.22 -22.23 -11.37
CA ALA D 79 -17.05 -23.10 -12.19
C ALA D 79 -16.32 -24.40 -12.49
N ALA D 80 -17.11 -25.47 -12.66
CA ALA D 80 -16.59 -26.81 -12.92
C ALA D 80 -15.52 -27.18 -11.89
N SER D 81 -16.00 -27.32 -10.64
CA SER D 81 -15.10 -27.55 -9.51
C SER D 81 -14.29 -28.81 -9.74
N GLN D 82 -12.97 -28.68 -9.61
CA GLN D 82 -12.02 -29.75 -9.77
C GLN D 82 -11.37 -30.09 -8.43
N PRO D 83 -10.89 -31.32 -8.25
CA PRO D 83 -10.30 -31.68 -6.95
C PRO D 83 -9.07 -30.88 -6.59
N GLY D 84 -8.23 -30.55 -7.59
CA GLY D 84 -7.07 -29.72 -7.33
C GLY D 84 -7.40 -28.30 -6.90
N ASP D 85 -8.62 -27.83 -7.18
CA ASP D 85 -9.05 -26.52 -6.73
C ASP D 85 -9.16 -26.44 -5.21
N SER D 86 -8.98 -27.55 -4.51
CA SER D 86 -9.08 -27.57 -3.05
C SER D 86 -7.87 -26.88 -2.44
N ALA D 87 -8.11 -25.77 -1.74
CA ALA D 87 -7.06 -25.04 -1.02
C ALA D 87 -7.77 -24.02 -0.13
N THR D 88 -6.96 -23.21 0.56
CA THR D 88 -7.48 -22.10 1.35
C THR D 88 -7.49 -20.85 0.48
N TYR D 89 -8.68 -20.27 0.30
CA TYR D 89 -8.84 -19.09 -0.55
C TYR D 89 -8.95 -17.87 0.34
N LEU D 90 -8.19 -16.83 0.01
CA LEU D 90 -8.11 -15.64 0.84
C LEU D 90 -8.52 -14.40 0.06
N CYS D 91 -9.30 -13.55 0.71
CA CYS D 91 -9.75 -12.28 0.16
C CYS D 91 -9.05 -11.14 0.90
N ALA D 92 -8.73 -10.08 0.18
CA ALA D 92 -7.95 -8.99 0.77
C ALA D 92 -8.34 -7.66 0.14
N GLN D 93 -8.48 -6.65 0.99
CA GLN D 93 -8.72 -5.28 0.58
C GLN D 93 -7.47 -4.44 0.83
N LEU D 94 -7.37 -3.33 0.10
CA LEU D 94 -6.25 -2.41 0.24
C LEU D 94 -6.65 -1.28 1.18
N ASN D 95 -5.76 -0.95 2.12
CA ASN D 95 -6.07 0.10 3.10
C ASN D 95 -6.18 1.46 2.40
N GLN D 96 -6.69 2.44 3.14
CA GLN D 96 -7.04 3.72 2.54
C GLN D 96 -5.83 4.44 1.97
N ALA D 97 -4.68 4.34 2.64
CA ALA D 97 -3.48 5.00 2.18
C ALA D 97 -2.66 4.16 1.20
N GLY D 98 -3.12 2.95 0.89
CA GLY D 98 -2.41 2.09 -0.04
C GLY D 98 -1.15 1.47 0.50
N THR D 99 -0.93 1.52 1.82
CA THR D 99 0.30 1.00 2.41
C THR D 99 0.22 -0.46 2.83
N ALA D 100 -0.94 -1.10 2.67
CA ALA D 100 -1.09 -2.46 3.16
C ALA D 100 -2.30 -3.12 2.50
N LEU D 101 -2.43 -4.41 2.76
CA LEU D 101 -3.54 -5.24 2.26
C LEU D 101 -4.19 -5.92 3.45
N ILE D 102 -5.39 -5.48 3.81
CA ILE D 102 -6.12 -6.10 4.91
C ILE D 102 -6.57 -7.49 4.48
N PHE D 103 -6.15 -8.51 5.22
CA PHE D 103 -6.38 -9.90 4.85
C PHE D 103 -7.44 -10.53 5.75
N GLY D 104 -8.36 -11.26 5.13
CA GLY D 104 -9.29 -12.06 5.90
C GLY D 104 -8.65 -13.35 6.39
N LYS D 105 -9.32 -13.99 7.36
CA LYS D 105 -8.80 -15.24 7.90
C LYS D 105 -8.91 -16.40 6.91
N GLY D 106 -9.60 -16.22 5.79
CA GLY D 106 -9.61 -17.20 4.73
C GLY D 106 -10.76 -18.18 4.82
N THR D 107 -10.96 -18.89 3.71
CA THR D 107 -11.98 -19.93 3.65
C THR D 107 -11.39 -21.16 2.96
N THR D 108 -11.51 -22.31 3.59
CA THR D 108 -11.00 -23.56 3.06
C THR D 108 -12.01 -24.20 2.12
N LEU D 109 -11.51 -24.70 0.99
CA LEU D 109 -12.34 -25.39 0.01
C LEU D 109 -11.99 -26.88 0.03
N SER D 110 -13.03 -27.72 0.08
CA SER D 110 -12.87 -29.18 0.07
C SER D 110 -13.72 -29.72 -1.06
N VAL D 111 -13.14 -29.81 -2.26
CA VAL D 111 -13.84 -30.37 -3.41
C VAL D 111 -13.79 -31.89 -3.32
N SER D 112 -14.95 -32.52 -3.32
CA SER D 112 -15.05 -33.96 -3.16
C SER D 112 -15.00 -34.65 -4.51
N SER D 113 -14.09 -35.62 -4.65
CA SER D 113 -13.97 -36.38 -5.89
C SER D 113 -15.01 -37.48 -5.92
N ASN D 114 -15.49 -37.79 -7.13
CA ASN D 114 -16.48 -38.84 -7.29
C ASN D 114 -15.81 -40.20 -7.16
N ILE D 115 -16.31 -41.01 -6.23
CA ILE D 115 -15.86 -42.39 -6.07
C ILE D 115 -16.77 -43.24 -6.94
N GLN D 116 -16.30 -43.57 -8.15
CA GLN D 116 -17.15 -44.31 -9.08
C GLN D 116 -17.56 -45.66 -8.49
N ASN D 117 -16.60 -46.55 -8.27
CA ASN D 117 -16.90 -47.91 -7.81
C ASN D 117 -16.52 -48.09 -6.34
N PRO D 118 -17.49 -48.06 -5.40
CA PRO D 118 -17.13 -48.19 -3.99
C PRO D 118 -16.99 -49.64 -3.55
N ASP D 119 -15.87 -49.96 -2.90
CA ASP D 119 -15.60 -51.29 -2.36
C ASP D 119 -14.85 -51.16 -1.04
N PRO D 120 -15.53 -50.70 0.01
CA PRO D 120 -14.85 -50.48 1.30
C PRO D 120 -14.22 -51.77 1.82
N ALA D 121 -12.94 -51.68 2.20
CA ALA D 121 -12.19 -52.86 2.59
C ALA D 121 -10.98 -52.45 3.41
N VAL D 122 -10.41 -53.42 4.13
CA VAL D 122 -9.24 -53.23 4.97
C VAL D 122 -8.22 -54.30 4.62
N TYR D 123 -6.93 -53.93 4.71
CA TYR D 123 -5.84 -54.86 4.45
C TYR D 123 -4.70 -54.57 5.44
N GLN D 124 -3.70 -55.46 5.46
CA GLN D 124 -2.57 -55.35 6.38
C GLN D 124 -1.26 -55.49 5.60
N LEU D 125 -0.17 -54.99 6.19
CA LEU D 125 1.09 -54.90 5.48
C LEU D 125 2.23 -55.39 6.39
N ARG D 126 3.46 -55.34 5.86
CA ARG D 126 4.63 -55.89 6.61
C ARG D 126 5.27 -54.82 7.49
N ASP D 127 4.86 -54.75 8.76
CA ASP D 127 5.34 -53.67 9.64
C ASP D 127 6.12 -54.21 10.85
N SER D 128 5.92 -55.48 11.21
CA SER D 128 6.55 -56.01 12.45
C SER D 128 8.06 -55.76 12.46
N LYS D 129 8.68 -55.66 11.28
CA LYS D 129 10.13 -55.51 11.24
C LYS D 129 10.59 -54.32 12.07
N SER D 130 9.83 -53.22 12.03
CA SER D 130 10.15 -52.04 12.82
C SER D 130 8.90 -51.19 13.04
N SER D 134 2.36 -53.17 13.94
CA SER D 134 1.22 -53.60 13.16
C SER D 134 0.50 -52.41 12.52
N VAL D 135 0.75 -52.21 11.23
CA VAL D 135 0.12 -51.14 10.46
C VAL D 135 -0.80 -51.77 9.43
N CYS D 136 -1.95 -51.14 9.22
CA CYS D 136 -2.93 -51.60 8.26
C CYS D 136 -3.54 -50.39 7.55
N LEU D 137 -4.11 -50.64 6.37
CA LEU D 137 -4.65 -49.53 5.54
C LEU D 137 -6.14 -49.74 5.22
N PHE D 138 -7.02 -49.00 5.89
CA PHE D 138 -8.46 -49.03 5.54
C PHE D 138 -8.60 -48.19 4.27
N THR D 139 -9.09 -48.76 3.16
CA THR D 139 -9.12 -47.99 1.88
C THR D 139 -10.35 -48.26 1.03
N ASP D 140 -10.48 -47.55 -0.10
CA ASP D 140 -11.60 -47.73 -1.06
C ASP D 140 -12.95 -47.43 -0.41
N PHE D 141 -13.02 -46.39 0.43
CA PHE D 141 -14.28 -46.13 1.18
C PHE D 141 -15.13 -45.03 0.51
N ASP D 142 -16.35 -44.84 1.03
CA ASP D 142 -17.31 -43.87 0.45
C ASP D 142 -16.89 -42.43 0.73
N SER D 143 -17.41 -41.50 -0.09
CA SER D 143 -17.09 -40.10 0.11
C SER D 143 -17.63 -39.59 1.44
N GLN D 144 -18.79 -40.09 1.86
CA GLN D 144 -19.40 -39.65 3.11
C GLN D 144 -18.64 -40.14 4.33
N THR D 145 -17.83 -41.19 4.20
CA THR D 145 -17.15 -41.76 5.35
C THR D 145 -16.18 -40.76 5.96
N ASN D 146 -16.09 -40.81 7.30
CA ASN D 146 -15.13 -39.98 8.03
C ASN D 146 -14.34 -40.87 8.99
N VAL D 147 -13.56 -40.27 9.89
CA VAL D 147 -12.61 -41.01 10.72
C VAL D 147 -12.69 -40.51 12.15
N SER D 148 -12.01 -41.24 13.04
CA SER D 148 -11.91 -40.92 14.46
C SER D 148 -10.45 -40.82 14.87
N GLN D 149 -10.21 -40.49 16.14
CA GLN D 149 -8.88 -40.30 16.67
C GLN D 149 -8.46 -41.42 17.63
N SER D 150 -9.15 -42.57 17.55
CA SER D 150 -8.72 -43.79 18.32
C SER D 150 -8.66 -43.57 19.83
N LYS D 151 -9.41 -42.61 20.36
CA LYS D 151 -9.47 -42.38 21.84
C LYS D 151 -8.18 -41.69 22.28
N ASP D 152 -7.31 -41.36 21.31
CA ASP D 152 -6.07 -40.62 21.60
C ASP D 152 -5.27 -41.35 22.69
N SER D 153 -5.17 -42.67 22.62
CA SER D 153 -4.49 -43.44 23.69
C SER D 153 -3.48 -44.42 23.12
N ASP D 154 -2.28 -43.95 22.78
CA ASP D 154 -1.17 -44.84 22.34
C ASP D 154 -1.52 -45.58 21.04
N VAL D 155 -2.68 -45.29 20.45
CA VAL D 155 -2.97 -45.87 19.14
C VAL D 155 -2.99 -44.72 18.14
N TYR D 156 -2.48 -44.98 16.94
CA TYR D 156 -2.22 -43.94 15.96
C TYR D 156 -3.14 -44.10 14.76
N ILE D 157 -3.77 -43.00 14.35
CA ILE D 157 -4.75 -42.98 13.28
C ILE D 157 -4.60 -41.65 12.55
N THR D 158 -4.77 -41.68 11.23
CA THR D 158 -4.70 -40.48 10.40
C THR D 158 -6.00 -40.29 9.64
N ASP D 159 -6.21 -39.06 9.19
CA ASP D 159 -7.44 -38.71 8.51
C ASP D 159 -7.41 -39.20 7.06
N LYS D 160 -8.56 -39.06 6.38
CA LYS D 160 -8.69 -39.59 5.04
C LYS D 160 -7.95 -38.71 4.03
N CYS D 161 -7.88 -39.21 2.80
CA CYS D 161 -7.06 -38.64 1.74
C CYS D 161 -7.24 -39.43 0.44
N VAL D 162 -7.30 -38.72 -0.69
CA VAL D 162 -7.60 -39.32 -1.98
C VAL D 162 -6.34 -39.28 -2.85
N LEU D 163 -6.10 -40.38 -3.56
CA LEU D 163 -5.12 -40.44 -4.63
C LEU D 163 -5.84 -40.80 -5.93
N ASP D 164 -5.33 -40.31 -7.05
CA ASP D 164 -6.00 -40.58 -8.34
C ASP D 164 -5.01 -41.16 -9.35
N MET D 165 -5.32 -42.34 -9.89
CA MET D 165 -4.47 -42.88 -10.98
C MET D 165 -5.25 -42.64 -12.27
N ARG D 166 -4.76 -41.75 -13.13
CA ARG D 166 -5.44 -41.50 -14.42
C ARG D 166 -5.08 -42.65 -15.36
N SER D 167 -4.18 -43.53 -14.93
CA SER D 167 -3.88 -44.71 -15.72
C SER D 167 -5.09 -45.62 -15.85
N MET D 168 -5.84 -45.78 -14.76
CA MET D 168 -7.05 -46.59 -14.74
C MET D 168 -8.29 -45.78 -14.40
N ASP D 169 -8.18 -44.45 -14.36
CA ASP D 169 -9.27 -43.56 -13.94
C ASP D 169 -9.83 -44.03 -12.60
N PHE D 170 -8.96 -44.10 -11.61
CA PHE D 170 -9.27 -44.74 -10.33
C PHE D 170 -8.97 -43.78 -9.20
N LYS D 171 -9.97 -43.50 -8.37
CA LYS D 171 -9.84 -42.62 -7.22
C LYS D 171 -10.15 -43.43 -5.97
N SER D 172 -9.23 -43.41 -5.00
CA SER D 172 -9.39 -44.15 -3.76
C SER D 172 -9.13 -43.24 -2.58
N ASN D 173 -10.12 -43.10 -1.71
CA ASN D 173 -9.87 -42.53 -0.39
C ASN D 173 -9.05 -43.53 0.42
N SER D 174 -8.09 -43.03 1.18
CA SER D 174 -7.16 -43.90 1.89
C SER D 174 -6.91 -43.37 3.29
N ALA D 175 -6.57 -44.29 4.19
CA ALA D 175 -6.26 -43.97 5.57
C ALA D 175 -5.38 -45.06 6.15
N VAL D 176 -4.63 -44.71 7.18
CA VAL D 176 -3.68 -45.63 7.81
C VAL D 176 -3.92 -45.64 9.31
N ALA D 177 -3.62 -46.79 9.94
CA ALA D 177 -3.67 -46.95 11.38
C ALA D 177 -2.54 -47.86 11.81
N TRP D 178 -1.85 -47.50 12.90
CA TRP D 178 -0.67 -48.29 13.33
C TRP D 178 -0.41 -48.17 14.83
N SER D 179 0.37 -49.10 15.41
CA SER D 179 0.76 -49.02 16.84
C SER D 179 2.02 -49.86 17.06
N ASN D 180 2.94 -49.40 17.92
CA ASN D 180 4.15 -50.19 18.24
C ASN D 180 3.73 -51.49 18.94
N LYS D 181 2.74 -51.42 19.82
CA LYS D 181 2.21 -52.64 20.46
C LYS D 181 1.54 -53.48 19.36
N SER D 182 1.80 -54.78 19.34
CA SER D 182 1.18 -55.69 18.33
C SER D 182 0.01 -56.44 18.98
N ASP D 183 -0.40 -56.00 20.18
CA ASP D 183 -1.55 -56.63 20.87
C ASP D 183 -2.78 -56.48 19.98
N PHE D 184 -2.93 -55.32 19.33
CA PHE D 184 -4.11 -55.06 18.47
C PHE D 184 -3.74 -55.28 16.99
N ALA D 185 -4.42 -56.22 16.33
CA ALA D 185 -4.16 -56.50 14.92
C ALA D 185 -5.21 -55.78 14.08
N CYS D 186 -4.99 -54.47 13.92
CA CYS D 186 -5.84 -53.62 13.08
C CYS D 186 -7.27 -53.55 13.62
N ALA D 187 -7.39 -53.07 14.85
CA ALA D 187 -8.68 -52.64 15.37
C ALA D 187 -8.99 -51.27 14.78
N ASN D 188 -10.14 -51.16 14.10
CA ASN D 188 -10.50 -49.90 13.39
C ASN D 188 -10.62 -48.72 14.36
N ALA D 189 -10.97 -48.96 15.62
CA ALA D 189 -10.99 -47.86 16.62
C ALA D 189 -11.82 -46.66 16.14
N PHE D 190 -13.06 -46.89 15.69
CA PHE D 190 -13.85 -45.78 15.10
C PHE D 190 -15.10 -45.49 15.90
N ASN D 191 -15.01 -44.68 16.97
CA ASN D 191 -16.21 -44.24 17.73
C ASN D 191 -17.08 -45.43 18.14
N ASN D 192 -16.46 -46.54 18.56
CA ASN D 192 -17.21 -47.78 18.88
C ASN D 192 -18.29 -48.02 17.82
N SER D 193 -18.08 -47.55 16.57
CA SER D 193 -19.13 -47.66 15.54
C SER D 193 -18.75 -48.76 14.53
N ILE D 194 -18.62 -50.01 14.98
CA ILE D 194 -18.34 -51.14 14.06
C ILE D 194 -19.66 -51.75 13.61
N ILE D 195 -20.76 -51.41 14.28
CA ILE D 195 -22.06 -52.07 13.98
C ILE D 195 -22.57 -51.80 12.55
N PRO D 196 -22.64 -50.55 12.02
CA PRO D 196 -23.20 -50.34 10.67
C PRO D 196 -22.19 -50.41 9.52
N GLU D 197 -21.60 -51.59 9.25
CA GLU D 197 -20.53 -51.64 8.22
C GLU D 197 -20.53 -52.97 7.45
N ASP D 198 -20.07 -52.94 6.19
CA ASP D 198 -19.92 -54.18 5.39
C ASP D 198 -18.45 -54.29 4.97
N THR D 199 -17.53 -53.66 5.71
CA THR D 199 -16.09 -53.61 5.32
C THR D 199 -15.38 -54.97 5.43
N PHE D 200 -14.32 -55.18 4.63
CA PHE D 200 -13.53 -56.45 4.65
C PHE D 200 -12.85 -56.63 6.01
N PHE D 201 -12.61 -57.88 6.43
CA PHE D 201 -12.07 -58.11 7.80
C PHE D 201 -10.64 -57.58 7.91
N PRO D 202 -10.24 -56.97 9.04
CA PRO D 202 -8.89 -56.41 9.18
C PRO D 202 -7.82 -57.49 9.34
N SER D 203 -8.19 -58.67 9.85
CA SER D 203 -7.19 -59.72 10.12
C SER D 203 -6.53 -60.24 8.83
N PRO D 204 -5.19 -60.42 8.81
CA PRO D 204 -4.51 -60.99 7.65
C PRO D 204 -4.98 -62.43 7.42
N ASN E 2 13.05 -14.53 -15.73
CA ASN E 2 12.55 -14.99 -14.44
C ASN E 2 12.00 -13.83 -13.62
N ALA E 3 11.19 -14.16 -12.62
CA ALA E 3 10.58 -13.15 -11.76
C ALA E 3 10.14 -13.81 -10.46
N GLY E 4 9.49 -13.03 -9.62
CA GLY E 4 8.94 -13.51 -8.37
C GLY E 4 9.68 -13.00 -7.15
N VAL E 5 9.14 -13.33 -6.00
CA VAL E 5 9.74 -13.01 -4.71
C VAL E 5 10.33 -14.28 -4.14
N THR E 6 11.63 -14.24 -3.83
CA THR E 6 12.33 -15.39 -3.26
C THR E 6 12.54 -15.18 -1.77
N GLN E 7 12.09 -16.14 -0.97
CA GLN E 7 12.19 -16.07 0.49
C GLN E 7 13.22 -17.07 0.97
N THR E 8 14.18 -16.59 1.76
CA THR E 8 15.19 -17.43 2.38
C THR E 8 15.26 -17.14 3.87
N PRO E 9 15.31 -18.18 4.72
CA PRO E 9 15.21 -19.58 4.34
C PRO E 9 13.77 -20.07 4.22
N LYS E 10 13.59 -21.34 3.87
CA LYS E 10 12.24 -21.92 3.83
C LYS E 10 11.84 -22.53 5.16
N PHE E 11 12.78 -23.15 5.86
CA PHE E 11 12.57 -23.68 7.20
C PHE E 11 13.75 -23.32 8.07
N GLN E 12 13.50 -23.12 9.36
CA GLN E 12 14.56 -22.84 10.31
C GLN E 12 14.07 -23.13 11.72
N VAL E 13 14.99 -23.52 12.59
CA VAL E 13 14.71 -23.83 13.98
C VAL E 13 15.61 -22.97 14.85
N LEU E 14 15.00 -22.17 15.72
CA LEU E 14 15.73 -21.33 16.66
C LEU E 14 15.37 -21.74 18.08
N LYS E 15 16.24 -21.38 19.03
CA LYS E 15 15.91 -21.44 20.44
C LYS E 15 15.78 -20.03 20.99
N THR E 16 15.17 -19.94 22.17
CA THR E 16 14.87 -18.64 22.76
C THR E 16 16.13 -17.81 22.97
N GLY E 17 16.10 -16.58 22.48
CA GLY E 17 17.20 -15.65 22.65
C GLY E 17 18.12 -15.53 21.46
N GLN E 18 17.95 -16.35 20.43
CA GLN E 18 18.84 -16.31 19.29
C GLN E 18 18.42 -15.22 18.30
N SER E 19 19.32 -14.91 17.38
CA SER E 19 19.09 -13.90 16.35
C SER E 19 19.18 -14.54 14.97
N MET E 20 18.36 -14.02 14.05
CA MET E 20 18.28 -14.58 12.68
C MET E 20 17.61 -13.57 11.75
N THR E 21 18.08 -13.47 10.51
CA THR E 21 17.50 -12.57 9.51
C THR E 21 16.74 -13.38 8.47
N LEU E 22 15.51 -12.96 8.17
CA LEU E 22 14.72 -13.52 7.09
C LEU E 22 14.87 -12.65 5.86
N GLN E 23 15.27 -13.25 4.74
CA GLN E 23 15.62 -12.51 3.54
C GLN E 23 14.48 -12.56 2.53
N CYS E 24 14.24 -11.42 1.88
CA CYS E 24 13.19 -11.28 0.88
C CYS E 24 13.72 -10.47 -0.28
N ALA E 25 13.74 -11.06 -1.47
CA ALA E 25 14.34 -10.38 -2.63
C ALA E 25 13.40 -10.37 -3.82
N GLN E 26 13.45 -9.29 -4.60
CA GLN E 26 12.65 -9.21 -5.83
C GLN E 26 13.49 -8.50 -6.89
N ASP E 27 13.19 -8.74 -8.17
CA ASP E 27 13.89 -8.05 -9.26
C ASP E 27 12.80 -7.61 -10.22
N MET E 28 11.62 -7.35 -9.67
CA MET E 28 10.46 -6.99 -10.51
C MET E 28 10.26 -5.49 -10.44
N ASN E 29 11.24 -4.78 -9.90
CA ASN E 29 11.19 -3.29 -9.82
C ASN E 29 10.00 -2.86 -8.98
N HIS E 30 9.79 -3.54 -7.86
CA HIS E 30 8.65 -3.24 -6.98
C HIS E 30 9.15 -2.33 -5.85
N GLU E 31 8.59 -1.14 -5.72
CA GLU E 31 9.10 -0.17 -4.72
C GLU E 31 8.48 -0.47 -3.35
N TYR E 32 7.32 -1.11 -3.33
CA TYR E 32 6.69 -1.48 -2.07
C TYR E 32 7.02 -2.92 -1.72
N MET E 33 7.32 -3.15 -0.44
CA MET E 33 7.59 -4.49 0.07
C MET E 33 6.97 -4.61 1.46
N SER E 34 6.59 -5.83 1.82
CA SER E 34 5.82 -6.04 3.03
C SER E 34 6.22 -7.38 3.67
N TRP E 35 5.87 -7.52 4.95
CA TRP E 35 6.15 -8.73 5.72
C TRP E 35 4.90 -9.11 6.49
N TYR E 36 4.44 -10.34 6.33
CA TYR E 36 3.20 -10.78 7.01
C TYR E 36 3.47 -12.07 7.77
N ARG E 37 2.60 -12.41 8.71
CA ARG E 37 2.72 -13.69 9.44
C ARG E 37 1.37 -14.37 9.44
N GLN E 38 1.35 -15.70 9.35
CA GLN E 38 0.06 -16.43 9.43
C GLN E 38 0.10 -17.36 10.65
N ASP E 39 -0.88 -17.20 11.54
CA ASP E 39 -0.99 -18.12 12.70
C ASP E 39 -2.43 -18.62 12.67
N PRO E 40 -2.70 -19.91 12.98
CA PRO E 40 -4.05 -20.44 12.85
C PRO E 40 -5.06 -19.69 13.72
N GLY E 41 -6.20 -19.33 13.13
CA GLY E 41 -7.26 -18.61 13.88
C GLY E 41 -7.05 -17.11 13.90
N MET E 42 -5.92 -16.63 13.39
CA MET E 42 -5.61 -15.17 13.43
C MET E 42 -5.48 -14.60 12.02
N GLY E 43 -5.39 -15.46 11.01
CA GLY E 43 -5.25 -15.01 9.61
C GLY E 43 -3.87 -14.47 9.31
N LEU E 44 -3.73 -13.73 8.21
CA LEU E 44 -2.41 -13.12 7.87
C LEU E 44 -2.35 -11.74 8.52
N ARG E 45 -1.29 -11.48 9.29
CA ARG E 45 -1.20 -10.21 10.04
C ARG E 45 0.04 -9.43 9.60
N LEU E 46 -0.09 -8.13 9.41
CA LEU E 46 1.03 -7.30 8.93
C LEU E 46 2.06 -7.03 10.02
N ILE E 47 3.33 -7.18 9.67
CA ILE E 47 4.44 -6.91 10.58
C ILE E 47 5.07 -5.55 10.28
N HIS E 48 5.56 -5.36 9.06
CA HIS E 48 6.23 -4.13 8.67
C HIS E 48 6.04 -3.92 7.18
N TYR E 49 6.09 -2.66 6.75
CA TYR E 49 6.00 -2.34 5.33
C TYR E 49 7.04 -1.27 4.98
N SER E 50 7.34 -1.20 3.69
CA SER E 50 8.29 -0.21 3.18
C SER E 50 7.76 0.30 1.85
N VAL E 51 7.26 1.54 1.84
CA VAL E 51 6.83 2.16 0.60
C VAL E 51 8.00 2.52 -0.31
N GLY E 52 9.22 2.47 0.19
CA GLY E 52 10.39 2.78 -0.60
C GLY E 52 11.65 2.58 0.22
N ALA E 53 12.78 2.66 -0.48
CA ALA E 53 14.07 2.49 0.18
C ALA E 53 14.30 3.59 1.20
N GLY E 54 14.78 3.21 2.38
CA GLY E 54 14.98 4.13 3.47
C GLY E 54 13.73 4.51 4.22
N ILE E 55 12.55 4.15 3.73
CA ILE E 55 11.28 4.41 4.39
C ILE E 55 10.74 3.10 4.94
N THR E 56 10.26 3.14 6.18
CA THR E 56 9.85 1.93 6.88
C THR E 56 8.94 2.31 8.03
N ASP E 57 7.83 1.58 8.18
CA ASP E 57 6.88 1.85 9.25
C ASP E 57 6.34 0.53 9.80
N GLN E 58 5.75 0.61 10.98
CA GLN E 58 5.24 -0.54 11.70
C GLN E 58 3.85 -0.94 11.20
N GLY E 59 3.43 -2.15 11.56
CA GLY E 59 2.12 -2.65 11.19
C GLY E 59 1.27 -3.01 12.39
N GLU E 60 0.47 -4.07 12.26
CA GLU E 60 -0.42 -4.47 13.35
C GLU E 60 0.36 -5.10 14.50
N VAL E 61 1.29 -6.00 14.19
CA VAL E 61 2.05 -6.72 15.22
C VAL E 61 3.54 -6.57 14.95
N PRO E 62 4.15 -5.45 15.35
CA PRO E 62 5.57 -5.23 15.00
C PRO E 62 6.56 -5.59 16.09
N ASN E 63 6.08 -5.85 17.30
CA ASN E 63 6.97 -6.05 18.44
C ASN E 63 7.82 -7.32 18.25
N GLY E 64 9.12 -7.20 18.51
CA GLY E 64 10.05 -8.29 18.35
C GLY E 64 10.61 -8.46 16.96
N TYR E 65 10.24 -7.59 16.02
CA TYR E 65 10.68 -7.67 14.64
C TYR E 65 11.37 -6.38 14.24
N ASN E 66 12.45 -6.50 13.46
CA ASN E 66 13.15 -5.35 12.92
C ASN E 66 13.43 -5.60 11.44
N VAL E 67 13.33 -4.54 10.64
CA VAL E 67 13.50 -4.63 9.19
C VAL E 67 14.45 -3.53 8.72
N SER E 68 14.80 -3.61 7.45
CA SER E 68 15.70 -2.66 6.80
C SER E 68 15.39 -2.63 5.31
N ARG E 69 15.42 -1.44 4.72
CA ARG E 69 15.27 -1.27 3.28
C ARG E 69 16.36 -0.33 2.79
N SER E 70 17.61 -0.78 2.88
CA SER E 70 18.72 -0.02 2.30
C SER E 70 18.64 -0.03 0.78
N THR E 71 18.29 -1.18 0.20
CA THR E 71 18.16 -1.33 -1.24
C THR E 71 16.71 -1.58 -1.60
N THR E 72 16.35 -1.22 -2.84
CA THR E 72 14.99 -1.43 -3.30
C THR E 72 14.68 -2.91 -3.51
N GLU E 73 15.70 -3.77 -3.57
CA GLU E 73 15.52 -5.15 -3.94
C GLU E 73 15.41 -6.10 -2.76
N ASP E 74 15.80 -5.68 -1.56
CA ASP E 74 15.80 -6.55 -0.39
C ASP E 74 15.10 -5.86 0.78
N PHE E 75 14.33 -6.64 1.53
CA PHE E 75 13.63 -6.17 2.72
C PHE E 75 13.80 -7.20 3.83
N PRO E 76 14.98 -7.31 4.49
CA PRO E 76 15.16 -8.33 5.52
C PRO E 76 14.32 -8.19 6.79
N LEU E 77 14.12 -9.28 7.52
CA LEU E 77 13.38 -9.24 8.80
C LEU E 77 14.23 -9.91 9.88
N ARG E 78 14.72 -9.13 10.85
CA ARG E 78 15.61 -9.68 11.90
C ARG E 78 14.83 -10.01 13.17
N LEU E 79 15.05 -11.21 13.70
CA LEU E 79 14.44 -11.57 14.99
C LEU E 79 15.55 -11.35 16.02
N LEU E 80 15.66 -10.14 16.56
CA LEU E 80 16.72 -9.78 17.53
C LEU E 80 16.83 -10.87 18.61
N SER E 81 15.73 -11.13 19.32
CA SER E 81 15.73 -12.21 20.34
C SER E 81 14.56 -13.15 20.01
N ALA E 82 14.83 -14.45 19.95
CA ALA E 82 13.78 -15.40 19.57
C ALA E 82 12.81 -15.61 20.73
N ALA E 83 11.53 -15.86 20.42
CA ALA E 83 10.50 -16.05 21.43
C ALA E 83 9.58 -17.16 20.98
N PRO E 84 9.00 -17.91 21.93
CA PRO E 84 8.06 -18.98 21.54
C PRO E 84 6.85 -18.46 20.79
N SER E 85 6.42 -17.24 21.07
CA SER E 85 5.25 -16.67 20.40
C SER E 85 5.53 -16.40 18.92
N GLN E 86 6.79 -16.32 18.51
CA GLN E 86 7.15 -15.98 17.14
C GLN E 86 7.19 -17.21 16.23
N THR E 87 6.68 -18.35 16.68
CA THR E 87 6.54 -19.53 15.83
C THR E 87 5.36 -19.31 14.90
N SER E 88 5.64 -19.14 13.61
CA SER E 88 4.61 -18.83 12.63
C SER E 88 5.19 -19.06 11.24
N VAL E 89 4.34 -18.89 10.23
CA VAL E 89 4.75 -18.89 8.83
C VAL E 89 4.82 -17.43 8.37
N TYR E 90 5.96 -17.04 7.83
CA TYR E 90 6.22 -15.65 7.48
C TYR E 90 6.20 -15.50 5.96
N PHE E 91 5.41 -14.55 5.47
CA PHE E 91 5.25 -14.31 4.04
C PHE E 91 5.68 -12.90 3.70
N CYS E 92 6.38 -12.76 2.58
CA CYS E 92 6.84 -11.47 2.08
C CYS E 92 6.11 -11.14 0.79
N ALA E 93 5.62 -9.91 0.68
CA ALA E 93 4.85 -9.48 -0.49
C ALA E 93 5.48 -8.23 -1.08
N SER E 94 5.31 -8.07 -2.39
CA SER E 94 5.87 -6.93 -3.11
C SER E 94 4.88 -6.45 -4.16
N SER E 95 4.97 -5.17 -4.50
CA SER E 95 4.13 -4.56 -5.52
C SER E 95 4.78 -3.27 -5.98
N TYR E 96 4.31 -2.76 -7.13
CA TYR E 96 4.91 -1.57 -7.72
C TYR E 96 4.86 -0.36 -6.79
N GLY E 97 3.82 -0.26 -5.97
CA GLY E 97 3.73 0.86 -5.06
C GLY E 97 2.41 0.87 -4.30
N THR E 98 1.98 2.07 -3.93
CA THR E 98 0.79 2.25 -3.11
C THR E 98 -0.47 2.50 -3.94
N GLY E 99 -0.38 2.45 -5.26
CA GLY E 99 -1.54 2.63 -6.11
C GLY E 99 -2.43 1.40 -6.14
N ILE E 100 -3.60 1.59 -6.77
CA ILE E 100 -4.56 0.48 -6.91
C ILE E 100 -4.38 -0.29 -8.20
N ASN E 101 -3.54 0.18 -9.12
CA ASN E 101 -3.48 -0.40 -10.45
C ASN E 101 -2.93 -1.82 -10.45
N TYR E 102 -2.00 -2.13 -9.56
CA TYR E 102 -1.34 -3.42 -9.55
C TYR E 102 -1.54 -4.11 -8.20
N GLY E 103 -1.20 -5.39 -8.15
CA GLY E 103 -1.47 -6.23 -7.01
C GLY E 103 -0.22 -6.84 -6.41
N TYR E 104 -0.40 -7.46 -5.24
CA TYR E 104 0.71 -7.99 -4.47
C TYR E 104 1.12 -9.37 -4.99
N THR E 105 2.42 -9.66 -4.90
CA THR E 105 2.97 -10.97 -5.19
C THR E 105 3.70 -11.47 -3.95
N PHE E 106 3.42 -12.70 -3.56
CA PHE E 106 4.01 -13.21 -2.30
C PHE E 106 5.11 -14.22 -2.60
N GLY E 107 5.74 -14.71 -1.54
CA GLY E 107 6.81 -15.72 -1.70
C GLY E 107 6.34 -17.08 -1.24
N SER E 108 7.22 -18.08 -1.27
CA SER E 108 6.85 -19.46 -0.90
C SER E 108 6.46 -19.53 0.57
N GLY E 109 7.22 -18.85 1.42
CA GLY E 109 6.90 -18.82 2.86
C GLY E 109 8.03 -19.36 3.69
N THR E 110 8.14 -18.89 4.93
CA THR E 110 9.16 -19.45 5.84
C THR E 110 8.49 -19.99 7.10
N ARG E 111 8.59 -21.30 7.31
CA ARG E 111 8.02 -21.91 8.52
C ARG E 111 9.10 -21.90 9.59
N LEU E 112 8.91 -21.08 10.62
CA LEU E 112 9.94 -20.96 11.69
C LEU E 112 9.40 -21.54 12.98
N THR E 113 10.21 -22.34 13.67
CA THR E 113 9.79 -22.88 14.98
C THR E 113 10.84 -22.50 16.01
N VAL E 114 10.45 -21.74 17.02
CA VAL E 114 11.34 -21.40 18.12
C VAL E 114 11.10 -22.41 19.24
N VAL E 115 12.18 -23.01 19.74
CA VAL E 115 12.10 -24.07 20.73
C VAL E 115 12.75 -23.60 22.02
N GLU E 116 12.28 -24.12 23.16
CA GLU E 116 12.92 -23.77 24.44
C GLU E 116 14.26 -24.48 24.52
N ASP E 117 14.32 -25.73 24.06
CA ASP E 117 15.60 -26.49 24.06
C ASP E 117 15.80 -27.13 22.70
N LEU E 118 17.02 -27.05 22.16
CA LEU E 118 17.32 -27.68 20.85
C LEU E 118 17.44 -29.18 21.07
N ASN E 119 17.43 -29.59 22.33
CA ASN E 119 17.54 -31.04 22.66
C ASN E 119 16.32 -31.77 22.12
N LYS E 120 15.14 -31.14 22.19
CA LYS E 120 13.87 -31.79 21.75
C LYS E 120 13.91 -32.10 20.26
N VAL E 121 14.70 -31.35 19.50
CA VAL E 121 14.71 -31.53 18.02
C VAL E 121 15.13 -32.97 17.71
N PHE E 122 14.43 -33.62 16.77
CA PHE E 122 14.71 -35.04 16.47
C PHE E 122 14.62 -35.34 14.98
N PRO E 123 15.51 -36.18 14.42
CA PRO E 123 15.41 -36.59 13.03
C PRO E 123 14.27 -37.60 12.83
N PRO E 124 13.71 -37.73 11.61
CA PRO E 124 12.60 -38.63 11.37
C PRO E 124 12.96 -40.12 11.24
N GLU E 125 12.02 -41.00 11.56
CA GLU E 125 12.24 -42.46 11.36
C GLU E 125 11.32 -42.91 10.22
N VAL E 126 11.83 -42.94 8.99
CA VAL E 126 11.05 -43.32 7.83
C VAL E 126 11.02 -44.83 7.69
N ALA E 127 9.87 -45.36 7.30
CA ALA E 127 9.70 -46.79 7.08
C ALA E 127 8.68 -47.01 5.97
N VAL E 128 8.90 -48.06 5.19
CA VAL E 128 7.99 -48.45 4.11
C VAL E 128 7.51 -49.87 4.33
N PHE E 129 6.20 -50.06 4.23
CA PHE E 129 5.57 -51.36 4.39
C PHE E 129 5.01 -51.82 3.05
N GLU E 130 5.20 -53.10 2.75
CA GLU E 130 4.92 -53.68 1.45
C GLU E 130 3.45 -54.08 1.33
N PRO E 131 2.91 -54.09 0.12
CA PRO E 131 1.45 -54.24 -0.04
C PRO E 131 0.93 -55.60 0.39
N SER E 132 -0.37 -55.61 0.68
CA SER E 132 -1.03 -56.83 1.14
C SER E 132 -1.26 -57.80 -0.01
N GLU E 133 -1.10 -59.09 0.28
CA GLU E 133 -1.41 -60.11 -0.71
C GLU E 133 -2.90 -60.16 -1.02
N ALA E 134 -3.74 -60.07 0.03
CA ALA E 134 -5.18 -60.08 -0.19
C ALA E 134 -5.63 -58.85 -0.99
N GLU E 135 -4.91 -57.74 -0.87
CA GLU E 135 -5.25 -56.55 -1.64
C GLU E 135 -5.06 -56.78 -3.13
N ILE E 136 -4.02 -57.56 -3.44
CA ILE E 136 -3.70 -57.81 -4.88
C ILE E 136 -4.91 -58.49 -5.50
N SER E 137 -5.38 -59.57 -4.88
CA SER E 137 -6.49 -60.31 -5.51
C SER E 137 -7.73 -59.43 -5.58
N HIS E 138 -8.06 -58.73 -4.48
CA HIS E 138 -9.33 -57.96 -4.44
C HIS E 138 -9.36 -56.73 -5.36
N THR E 139 -8.27 -55.96 -5.45
CA THR E 139 -8.36 -54.68 -6.19
C THR E 139 -7.48 -54.56 -7.43
N GLN E 140 -6.61 -55.52 -7.71
CA GLN E 140 -5.67 -55.37 -8.87
C GLN E 140 -4.90 -54.06 -8.75
N LYS E 141 -4.36 -53.76 -7.56
CA LYS E 141 -3.54 -52.57 -7.37
C LYS E 141 -2.71 -52.76 -6.11
N ALA E 142 -1.57 -52.07 -6.06
CA ALA E 142 -0.62 -52.21 -4.97
C ALA E 142 -0.63 -50.96 -4.11
N THR E 143 -1.11 -51.08 -2.88
CA THR E 143 -1.14 -49.97 -1.93
C THR E 143 0.14 -50.00 -1.11
N LEU E 144 1.04 -49.06 -1.39
CA LEU E 144 2.28 -48.92 -0.64
C LEU E 144 2.14 -47.77 0.34
N VAL E 145 2.51 -48.01 1.61
CA VAL E 145 2.34 -47.05 2.68
C VAL E 145 3.73 -46.65 3.19
N CYS E 146 3.88 -45.37 3.54
CA CYS E 146 5.07 -44.87 4.20
C CYS E 146 4.66 -44.17 5.49
N LEU E 147 5.51 -44.29 6.51
CA LEU E 147 5.23 -43.69 7.82
C LEU E 147 6.49 -43.06 8.35
N ALA E 148 6.47 -41.75 8.57
CA ALA E 148 7.54 -41.04 9.24
C ALA E 148 7.14 -40.85 10.71
N THR E 149 8.04 -41.25 11.62
CA THR E 149 7.71 -41.32 13.03
C THR E 149 8.73 -40.56 13.86
N GLY E 150 8.21 -39.81 14.84
CA GLY E 150 9.03 -39.18 15.85
C GLY E 150 9.96 -38.08 15.37
N PHE E 151 9.43 -37.09 14.67
CA PHE E 151 10.22 -35.99 14.15
C PHE E 151 9.69 -34.66 14.69
N PHE E 152 10.59 -33.88 15.26
CA PHE E 152 10.22 -32.51 15.72
C PHE E 152 11.34 -31.60 15.20
N PRO E 153 11.05 -30.50 14.49
CA PRO E 153 9.70 -29.99 14.32
C PRO E 153 8.93 -30.52 13.11
N ASP E 154 7.92 -29.77 12.66
CA ASP E 154 7.04 -30.18 11.53
C ASP E 154 7.73 -29.78 10.23
N HIS E 155 9.00 -29.39 10.32
CA HIS E 155 9.72 -28.92 9.12
C HIS E 155 10.19 -30.13 8.32
N VAL E 156 9.26 -30.79 7.61
CA VAL E 156 9.61 -31.98 6.79
C VAL E 156 8.85 -31.95 5.46
N GLU E 157 9.29 -32.76 4.50
CA GLU E 157 8.64 -32.88 3.21
C GLU E 157 8.81 -34.31 2.73
N LEU E 158 7.76 -34.87 2.14
CA LEU E 158 7.73 -36.26 1.74
C LEU E 158 7.60 -36.36 0.23
N SER E 159 8.46 -37.17 -0.38
CA SER E 159 8.50 -37.32 -1.84
C SER E 159 8.72 -38.78 -2.19
N TRP E 160 7.91 -39.28 -3.11
CA TRP E 160 8.06 -40.63 -3.65
C TRP E 160 8.82 -40.54 -4.98
N TRP E 161 9.97 -41.20 -5.05
CA TRP E 161 10.73 -41.32 -6.28
C TRP E 161 10.59 -42.75 -6.81
N VAL E 162 10.11 -42.88 -8.05
CA VAL E 162 10.07 -44.15 -8.74
C VAL E 162 11.24 -44.18 -9.72
N ASN E 163 12.12 -45.16 -9.56
CA ASN E 163 13.38 -45.25 -10.31
C ASN E 163 14.15 -43.97 -10.05
N GLY E 164 14.45 -43.15 -11.05
CA GLY E 164 15.22 -41.94 -10.86
C GLY E 164 14.44 -40.65 -10.82
N LYS E 165 13.12 -40.69 -11.00
CA LYS E 165 12.32 -39.48 -11.06
C LYS E 165 11.17 -39.56 -10.06
N GLU E 166 10.73 -38.39 -9.62
CA GLU E 166 9.61 -38.30 -8.69
C GLU E 166 8.30 -38.65 -9.40
N VAL E 167 7.33 -39.08 -8.60
CA VAL E 167 5.99 -39.40 -9.09
C VAL E 167 4.98 -38.59 -8.29
N HIS E 168 4.10 -37.88 -9.01
CA HIS E 168 2.99 -37.17 -8.40
C HIS E 168 1.65 -37.82 -8.70
N SER E 169 1.67 -39.01 -9.30
CA SER E 169 0.46 -39.73 -9.68
C SER E 169 0.30 -40.96 -8.79
N GLY E 170 -0.90 -41.16 -8.26
CA GLY E 170 -1.15 -42.28 -7.38
C GLY E 170 -0.55 -42.14 -6.00
N VAL E 171 -0.30 -40.92 -5.56
CA VAL E 171 0.34 -40.66 -4.28
C VAL E 171 -0.60 -39.84 -3.41
N CYS E 172 -0.69 -40.20 -2.14
CA CYS E 172 -1.37 -39.40 -1.13
C CYS E 172 -0.44 -39.21 0.06
N THR E 173 -0.24 -37.95 0.45
CA THR E 173 0.58 -37.65 1.65
C THR E 173 -0.32 -36.83 2.57
N ASP E 174 -0.20 -37.00 3.88
CA ASP E 174 -1.13 -36.30 4.80
C ASP E 174 -0.94 -34.79 4.67
N PRO E 175 -2.03 -34.01 4.59
CA PRO E 175 -1.93 -32.56 4.54
C PRO E 175 -1.34 -32.01 5.84
N GLN E 176 -1.74 -32.58 6.99
CA GLN E 176 -1.28 -32.08 8.29
C GLN E 176 -0.82 -33.28 9.15
N PRO E 177 0.42 -33.32 9.70
CA PRO E 177 0.82 -34.45 10.54
C PRO E 177 -0.02 -34.54 11.81
N LEU E 178 0.16 -35.66 12.50
CA LEU E 178 -0.50 -35.93 13.78
C LEU E 178 0.55 -35.99 14.88
N LYS E 179 0.30 -35.26 15.96
CA LYS E 179 1.22 -35.27 17.09
C LYS E 179 1.16 -36.62 17.79
N GLU E 180 2.33 -37.24 18.00
CA GLU E 180 2.38 -38.52 18.70
C GLU E 180 1.81 -38.38 20.11
N GLN E 181 2.13 -37.29 20.79
CA GLN E 181 1.53 -36.96 22.08
C GLN E 181 0.62 -35.75 21.88
N PRO E 182 -0.71 -35.92 21.91
CA PRO E 182 -1.60 -34.83 21.49
C PRO E 182 -1.50 -33.57 22.34
N ALA E 183 -1.24 -33.69 23.65
CA ALA E 183 -1.34 -32.57 24.56
C ALA E 183 0.01 -31.91 24.86
N LEU E 184 1.10 -32.39 24.25
CA LEU E 184 2.45 -31.86 24.61
C LEU E 184 3.02 -31.01 23.48
N ASN E 185 3.61 -29.85 23.80
CA ASN E 185 4.20 -28.94 22.77
C ASN E 185 5.38 -29.61 22.06
N ASP E 186 6.23 -30.35 22.78
CA ASP E 186 7.46 -30.93 22.18
C ASP E 186 7.12 -32.26 21.49
N SER E 187 5.86 -32.69 21.54
CA SER E 187 5.46 -33.99 20.97
C SER E 187 6.05 -34.21 19.59
N ARG E 188 6.96 -35.18 19.46
CA ARG E 188 7.47 -35.53 18.15
C ARG E 188 6.32 -35.87 17.21
N TYR E 189 6.40 -35.37 15.99
CA TYR E 189 5.28 -35.50 15.05
C TYR E 189 5.33 -36.85 14.34
N ALA E 190 4.25 -37.15 13.60
CA ALA E 190 4.20 -38.39 12.82
C ALA E 190 3.40 -38.14 11.53
N LEU E 191 3.89 -38.66 10.40
CA LEU E 191 3.21 -38.40 9.10
C LEU E 191 3.06 -39.72 8.34
N SER E 192 1.98 -39.86 7.57
CA SER E 192 1.73 -41.08 6.78
C SER E 192 1.55 -40.70 5.32
N SER E 193 2.11 -41.49 4.41
CA SER E 193 1.91 -41.22 2.97
C SER E 193 1.66 -42.54 2.26
N ARG E 194 1.08 -42.48 1.07
CA ARG E 194 0.73 -43.72 0.36
C ARG E 194 1.02 -43.61 -1.13
N LEU E 195 1.34 -44.72 -1.77
CA LEU E 195 1.52 -44.79 -3.21
C LEU E 195 0.79 -46.02 -3.72
N ARG E 196 -0.23 -45.82 -4.53
CA ARG E 196 -1.00 -46.92 -5.11
C ARG E 196 -0.68 -47.01 -6.59
N VAL E 197 -0.28 -48.20 -7.04
CA VAL E 197 0.10 -48.45 -8.41
C VAL E 197 -0.61 -49.72 -8.88
N SER E 198 -0.50 -49.98 -10.17
CA SER E 198 -0.97 -51.25 -10.71
C SER E 198 -0.21 -52.40 -10.06
N ALA E 199 -0.92 -53.48 -9.74
CA ALA E 199 -0.28 -54.62 -9.09
C ALA E 199 0.83 -55.20 -9.95
N THR E 200 0.74 -55.03 -11.28
CA THR E 200 1.79 -55.53 -12.17
C THR E 200 3.11 -54.80 -11.94
N PHE E 201 3.05 -53.52 -11.61
CA PHE E 201 4.28 -52.76 -11.32
C PHE E 201 4.98 -53.32 -10.10
N TRP E 202 4.22 -53.63 -9.03
CA TRP E 202 4.82 -54.20 -7.84
C TRP E 202 5.19 -55.66 -8.05
N GLN E 203 4.37 -56.42 -8.79
CA GLN E 203 4.68 -57.81 -9.05
C GLN E 203 5.94 -57.97 -9.89
N ASN E 204 6.26 -56.99 -10.73
CA ASN E 204 7.53 -56.98 -11.45
C ASN E 204 8.67 -56.67 -10.49
N PRO E 205 9.65 -57.56 -10.33
CA PRO E 205 10.68 -57.34 -9.30
C PRO E 205 11.85 -56.46 -9.73
N ARG E 206 11.80 -55.79 -10.88
CA ARG E 206 12.93 -55.01 -11.38
C ARG E 206 12.68 -53.51 -11.32
N ASN E 207 11.69 -53.09 -10.54
CA ASN E 207 11.35 -51.67 -10.41
C ASN E 207 11.63 -51.21 -8.99
N HIS E 208 12.20 -50.01 -8.87
CA HIS E 208 12.60 -49.45 -7.58
C HIS E 208 11.68 -48.28 -7.23
N PHE E 209 11.18 -48.28 -5.99
CA PHE E 209 10.38 -47.20 -5.46
C PHE E 209 11.00 -46.75 -4.15
N ARG E 210 11.17 -45.44 -3.99
CA ARG E 210 11.88 -44.87 -2.84
C ARG E 210 10.98 -43.87 -2.13
N CYS E 211 10.77 -44.09 -0.83
CA CYS E 211 10.09 -43.13 0.03
C CYS E 211 11.15 -42.31 0.76
N GLN E 212 11.14 -41.00 0.54
CA GLN E 212 12.22 -40.13 1.00
C GLN E 212 11.63 -38.92 1.71
N VAL E 213 12.01 -38.75 2.97
CA VAL E 213 11.61 -37.60 3.78
C VAL E 213 12.84 -36.73 3.99
N GLN E 214 12.69 -35.44 3.76
CA GLN E 214 13.73 -34.46 4.06
C GLN E 214 13.38 -33.74 5.36
N PHE E 215 14.32 -33.74 6.30
CA PHE E 215 14.15 -33.05 7.57
C PHE E 215 15.05 -31.81 7.59
N TYR E 216 14.51 -30.72 8.13
CA TYR E 216 15.24 -29.46 8.23
C TYR E 216 15.52 -29.20 9.71
N GLY E 217 16.80 -29.27 10.08
CA GLY E 217 17.21 -29.13 11.46
C GLY E 217 18.36 -28.16 11.60
N LEU E 218 19.32 -28.54 12.44
CA LEU E 218 20.43 -27.62 12.78
C LEU E 218 21.56 -27.70 11.75
N SER E 219 22.68 -27.02 12.05
CA SER E 219 23.84 -27.02 11.14
C SER E 219 25.08 -27.40 11.94
N GLU E 220 26.21 -27.55 11.27
CA GLU E 220 27.48 -27.93 11.94
C GLU E 220 27.80 -26.83 12.95
N ASN E 221 27.53 -25.58 12.60
CA ASN E 221 27.87 -24.45 13.49
C ASN E 221 27.12 -24.58 14.81
N ASP E 222 25.86 -25.01 14.78
CA ASP E 222 25.05 -25.04 16.02
C ASP E 222 25.63 -26.02 17.05
N GLU E 223 25.56 -25.66 18.33
CA GLU E 223 26.15 -26.50 19.42
C GLU E 223 25.29 -27.73 19.71
N TRP E 224 25.94 -28.83 20.13
CA TRP E 224 25.20 -30.09 20.44
C TRP E 224 26.04 -30.92 21.43
N THR E 225 25.94 -30.60 22.72
CA THR E 225 26.69 -31.35 23.76
C THR E 225 25.94 -32.62 24.14
N GLN E 226 24.79 -32.88 23.51
CA GLN E 226 24.06 -34.14 23.77
C GLN E 226 24.83 -35.31 23.17
N ASP E 227 24.61 -36.52 23.68
CA ASP E 227 25.38 -37.71 23.21
C ASP E 227 24.83 -38.20 21.86
N ARG E 228 23.52 -38.05 21.63
CA ARG E 228 22.91 -38.48 20.38
C ARG E 228 23.43 -37.60 19.22
N ALA E 229 23.12 -38.04 18.01
CA ALA E 229 23.59 -37.31 16.81
C ALA E 229 22.80 -36.01 16.70
N LYS E 230 23.50 -34.96 16.26
CA LYS E 230 22.86 -33.64 16.05
C LYS E 230 21.76 -33.82 14.99
N PRO E 231 20.51 -33.37 15.20
CA PRO E 231 19.47 -33.50 14.20
C PRO E 231 19.66 -32.42 13.15
N VAL E 232 20.61 -32.62 12.24
CA VAL E 232 20.91 -31.60 11.21
C VAL E 232 19.95 -31.81 10.04
N THR E 233 19.93 -30.88 9.10
CA THR E 233 19.10 -31.10 7.89
C THR E 233 19.59 -32.39 7.23
N GLN E 234 18.72 -33.38 7.05
CA GLN E 234 19.11 -34.66 6.49
C GLN E 234 17.94 -35.26 5.72
N ILE E 235 18.27 -36.25 4.89
CA ILE E 235 17.28 -37.03 4.15
C ILE E 235 17.29 -38.44 4.73
N VAL E 236 16.12 -38.95 5.07
CA VAL E 236 15.94 -40.32 5.52
C VAL E 236 15.11 -41.02 4.46
N SER E 237 15.78 -41.71 3.54
CA SER E 237 15.08 -42.37 2.46
C SER E 237 14.66 -43.76 2.89
N ALA E 238 13.86 -44.40 2.03
CA ALA E 238 13.41 -45.75 2.27
C ALA E 238 13.20 -46.41 0.92
N GLU E 239 13.23 -47.74 0.90
CA GLU E 239 13.38 -48.48 -0.34
C GLU E 239 12.40 -49.64 -0.39
N ALA E 240 11.94 -49.94 -1.61
CA ALA E 240 11.03 -51.06 -1.85
C ALA E 240 11.32 -51.64 -3.22
N TRP E 241 11.35 -52.96 -3.31
CA TRP E 241 11.52 -53.67 -4.56
C TRP E 241 10.40 -54.69 -4.72
N GLY E 242 10.29 -55.21 -5.94
CA GLY E 242 9.17 -56.10 -6.25
C GLY E 242 9.24 -57.41 -5.48
N ARG E 243 8.07 -57.84 -4.99
CA ARG E 243 7.98 -59.11 -4.21
C ARG E 243 6.65 -59.77 -4.57
N ALA E 244 6.60 -61.11 -4.57
CA ALA E 244 5.41 -61.87 -4.93
C ALA E 244 5.13 -62.99 -3.93
#